data_5C5H
#
_entry.id   5C5H
#
_cell.length_a   126.060
_cell.length_b   126.060
_cell.length_c   111.752
_cell.angle_alpha   90.00
_cell.angle_beta   90.00
_cell.angle_gamma   120.00
#
_symmetry.space_group_name_H-M   'P 31 2 1'
#
loop_
_entity.id
_entity.type
_entity.pdbx_description
1 polymer '2-succinylbenzoate--CoA ligase'
2 non-polymer 'MAGNESIUM ION'
3 non-polymer "5'-O-{[4-(2-carboxyphenyl)-4-oxobutanoyl]sulfamoyl}adenosine"
4 water water
#
_entity_poly.entity_id   1
_entity_poly.type   'polypeptide(L)'
_entity_poly.pdbx_seq_one_letter_code
;SHMIFSDWPWRHWRQVRGETIALRLNDEQLNWRELCARVDELASGFAVQGVVEGSGVMLRAWNTPQTLLAWLALLQCGAR
VLPVNPQLPQPLLEELLPNLTLQFALVPDGENTFPALTSLHIQLVEGAHAATWQPTRLCSMTLTSGSTGLPKAAVHTYQA
HLASAQGVLSLIPFGDHDDWLLSLPLFHVSGQGIMWKWLYAGARMTVRDKQPLEQMLAGCTHASLVPTQLWRLLVNRSSV
SLKAVLLGGAAIPVELTEQAREQGIRCFCGYGLTEFASTVCAKEADGLADVGSPLPGREVKIVNNEVWLRAASMAEGYWR
NGQLVSLVNDEGWYATRDRGEMHNGKLTIVGRLDNLFFSGGEGIQPEEVERVIAAHPAVLQVFIVPVADKEFGHRPVAVM
EYDHESVDLSEWVKDKLARFQQPVRWLTLPPELKNGGIKISRQALKEWVQRQQ
;
_entity_poly.pdbx_strand_id   A,B
#
loop_
_chem_comp.id
_chem_comp.type
_chem_comp.name
_chem_comp.formula
4YB non-polymer 5'-O-{[4-(2-carboxyphenyl)-4-oxobutanoyl]sulfamoyl}adenosine 'C21 H22 N6 O10 S'
MG non-polymer 'MAGNESIUM ION' 'Mg 2'
#
# COMPACT_ATOMS: atom_id res chain seq x y z
N SER A 1 -15.52 6.21 16.89
CA SER A 1 -16.91 6.44 16.35
C SER A 1 -17.84 5.31 16.78
N HIS A 2 -18.96 5.67 17.41
CA HIS A 2 -19.90 4.69 17.95
C HIS A 2 -21.23 4.79 17.28
N MET A 3 -21.95 3.68 17.27
CA MET A 3 -23.27 3.60 16.66
C MET A 3 -24.26 3.12 17.72
N ILE A 4 -25.25 3.97 18.02
CA ILE A 4 -26.27 3.66 19.02
C ILE A 4 -27.48 3.11 18.30
N PHE A 5 -27.91 1.90 18.63
CA PHE A 5 -29.05 1.29 17.96
C PHE A 5 -30.36 1.51 18.71
N SER A 6 -31.31 2.15 18.03
CA SER A 6 -32.68 2.26 18.51
C SER A 6 -33.42 0.92 18.54
N ASP A 7 -33.19 0.09 17.53
CA ASP A 7 -33.93 -1.16 17.34
C ASP A 7 -32.97 -2.26 16.90
N TRP A 8 -33.52 -3.43 16.56
CA TRP A 8 -32.77 -4.44 15.85
C TRP A 8 -32.04 -3.73 14.71
N PRO A 9 -30.72 -3.95 14.58
CA PRO A 9 -29.95 -3.17 13.61
C PRO A 9 -30.56 -3.11 12.21
N TRP A 10 -31.14 -4.22 11.76
CA TRP A 10 -31.74 -4.25 10.43
C TRP A 10 -32.98 -3.36 10.36
N ARG A 11 -33.75 -3.34 11.45
CA ARG A 11 -34.92 -2.44 11.53
C ARG A 11 -34.49 -0.99 11.72
N HIS A 12 -33.41 -0.78 12.48
CA HIS A 12 -32.78 0.53 12.60
C HIS A 12 -32.47 1.15 11.22
N TRP A 13 -31.82 0.39 10.35
CA TRP A 13 -31.46 0.92 9.03
C TRP A 13 -32.68 1.05 8.13
N ARG A 14 -33.69 0.21 8.35
CA ARG A 14 -34.95 0.38 7.65
C ARG A 14 -35.57 1.74 7.96
N GLN A 15 -35.66 2.07 9.24
CA GLN A 15 -36.18 3.37 9.68
C GLN A 15 -35.37 4.55 9.12
N VAL A 16 -34.04 4.45 9.20
CA VAL A 16 -33.15 5.53 8.82
C VAL A 16 -33.09 5.73 7.30
N ARG A 17 -33.06 4.62 6.56
CA ARG A 17 -32.90 4.69 5.10
C ARG A 17 -33.29 3.38 4.44
N GLY A 18 -34.56 3.01 4.60
CA GLY A 18 -35.06 1.70 4.20
C GLY A 18 -34.87 1.33 2.74
N GLU A 19 -34.75 2.33 1.89
CA GLU A 19 -34.74 2.12 0.45
C GLU A 19 -33.32 1.92 -0.08
N THR A 20 -32.32 2.05 0.80
CA THR A 20 -30.94 1.82 0.41
C THR A 20 -30.62 0.32 0.41
N ILE A 21 -29.74 -0.07 -0.50
CA ILE A 21 -29.37 -1.48 -0.69
C ILE A 21 -28.65 -1.96 0.57
N ALA A 22 -29.05 -3.15 1.05
CA ALA A 22 -28.51 -3.71 2.29
C ALA A 22 -27.67 -4.98 2.09
N LEU A 23 -28.10 -5.82 1.14
CA LEU A 23 -27.62 -7.20 1.08
C LEU A 23 -27.75 -7.80 -0.32
N ARG A 24 -26.76 -8.58 -0.74
CA ARG A 24 -26.90 -9.44 -1.93
C ARG A 24 -27.07 -10.89 -1.51
N LEU A 25 -28.14 -11.51 -1.98
CA LEU A 25 -28.33 -12.95 -1.87
C LEU A 25 -28.17 -13.49 -3.29
N ASN A 26 -27.00 -14.05 -3.57
CA ASN A 26 -26.58 -14.40 -4.94
C ASN A 26 -26.67 -13.17 -5.89
N ASP A 27 -27.52 -13.20 -6.91
CA ASP A 27 -27.69 -12.05 -7.82
C ASP A 27 -28.81 -11.12 -7.37
N GLU A 28 -29.52 -11.51 -6.32
CA GLU A 28 -30.66 -10.76 -5.81
C GLU A 28 -30.20 -9.71 -4.79
N GLN A 29 -30.57 -8.45 -5.02
CA GLN A 29 -30.31 -7.37 -4.08
C GLN A 29 -31.58 -7.03 -3.33
N LEU A 30 -31.46 -6.84 -2.02
CA LEU A 30 -32.56 -6.38 -1.21
C LEU A 30 -32.16 -5.08 -0.51
N ASN A 31 -33.10 -4.14 -0.44
CA ASN A 31 -32.93 -2.97 0.41
C ASN A 31 -33.33 -3.33 1.84
N TRP A 32 -33.16 -2.39 2.76
CA TRP A 32 -33.39 -2.68 4.18
C TRP A 32 -34.82 -3.08 4.48
N ARG A 33 -35.77 -2.48 3.75
CA ARG A 33 -37.18 -2.81 3.92
C ARG A 33 -37.46 -4.23 3.47
N GLU A 34 -36.92 -4.59 2.31
CA GLU A 34 -37.10 -5.91 1.74
C GLU A 34 -36.49 -6.97 2.64
N LEU A 35 -35.28 -6.69 3.15
CA LEU A 35 -34.64 -7.60 4.07
C LEU A 35 -35.48 -7.83 5.32
N CYS A 36 -35.99 -6.76 5.91
CA CYS A 36 -36.78 -6.88 7.12
C CYS A 36 -38.05 -7.71 6.88
N ALA A 37 -38.68 -7.53 5.72
CA ALA A 37 -39.87 -8.28 5.39
C ALA A 37 -39.56 -9.78 5.31
N ARG A 38 -38.41 -10.12 4.73
CA ARG A 38 -38.01 -11.51 4.59
C ARG A 38 -37.67 -12.13 5.94
N VAL A 39 -37.01 -11.37 6.80
CA VAL A 39 -36.72 -11.84 8.14
C VAL A 39 -38.02 -12.10 8.91
N ASP A 40 -39.00 -11.21 8.73
CA ASP A 40 -40.28 -11.31 9.45
C ASP A 40 -41.07 -12.56 9.10
N GLU A 41 -41.15 -12.88 7.81
CA GLU A 41 -41.80 -14.08 7.32
C GLU A 41 -41.33 -15.30 8.07
N LEU A 42 -40.00 -15.39 8.24
CA LEU A 42 -39.34 -16.48 8.93
C LEU A 42 -39.51 -16.41 10.44
N ALA A 43 -39.29 -15.22 10.99
CA ALA A 43 -39.35 -15.03 12.44
C ALA A 43 -40.69 -15.48 12.96
N SER A 44 -41.74 -15.08 12.23
CA SER A 44 -43.12 -15.43 12.59
C SER A 44 -43.37 -16.93 12.40
N GLY A 45 -42.79 -17.48 11.33
CA GLY A 45 -42.77 -18.92 11.12
C GLY A 45 -42.18 -19.66 12.30
N PHE A 46 -41.08 -19.14 12.86
CA PHE A 46 -40.47 -19.75 14.05
C PHE A 46 -41.32 -19.57 15.31
N ALA A 47 -41.96 -18.41 15.44
CA ALA A 47 -42.85 -18.14 16.56
C ALA A 47 -44.07 -19.08 16.58
N VAL A 48 -44.66 -19.32 15.41
CA VAL A 48 -45.72 -20.32 15.24
C VAL A 48 -45.28 -21.72 15.70
N GLN A 49 -44.02 -22.09 15.42
CA GLN A 49 -43.49 -23.39 15.84
C GLN A 49 -43.01 -23.42 17.30
N GLY A 50 -43.26 -22.33 18.04
CA GLY A 50 -43.02 -22.30 19.48
C GLY A 50 -41.69 -21.73 19.93
N VAL A 51 -40.97 -21.07 19.02
CA VAL A 51 -39.72 -20.42 19.41
C VAL A 51 -40.04 -19.13 20.15
N VAL A 52 -39.52 -19.00 21.36
CA VAL A 52 -39.76 -17.83 22.21
C VAL A 52 -38.41 -17.25 22.68
N GLU A 53 -38.46 -16.09 23.33
CA GLU A 53 -37.27 -15.49 23.94
C GLU A 53 -36.54 -16.52 24.78
N GLY A 54 -35.22 -16.60 24.62
CA GLY A 54 -34.41 -17.51 25.41
C GLY A 54 -34.42 -18.97 24.99
N SER A 55 -35.15 -19.32 23.93
CA SER A 55 -35.14 -20.68 23.42
C SER A 55 -33.78 -21.03 22.85
N GLY A 56 -33.26 -22.19 23.22
CA GLY A 56 -32.01 -22.69 22.67
C GLY A 56 -32.26 -23.37 21.35
N VAL A 57 -31.57 -22.91 20.31
CA VAL A 57 -31.78 -23.44 18.97
C VAL A 57 -30.45 -23.81 18.33
N MET A 58 -30.34 -25.07 17.90
CA MET A 58 -29.20 -25.48 17.08
C MET A 58 -29.48 -25.16 15.62
N LEU A 59 -28.49 -24.55 14.97
CA LEU A 59 -28.54 -24.23 13.55
C LEU A 59 -27.37 -24.95 12.88
N ARG A 60 -27.63 -26.19 12.45
CA ARG A 60 -26.64 -27.03 11.82
C ARG A 60 -26.72 -26.76 10.32
N ALA A 61 -25.76 -26.00 9.79
CA ALA A 61 -25.89 -25.46 8.44
C ALA A 61 -24.62 -24.79 7.91
N TRP A 62 -24.51 -24.76 6.58
CA TRP A 62 -23.45 -24.05 5.88
C TRP A 62 -23.92 -22.63 5.58
N ASN A 63 -22.98 -21.76 5.23
CA ASN A 63 -23.31 -20.42 4.77
C ASN A 63 -24.10 -20.43 3.46
N THR A 64 -25.38 -20.04 3.55
CA THR A 64 -26.21 -19.82 2.37
C THR A 64 -27.11 -18.61 2.61
N PRO A 65 -27.72 -18.08 1.55
CA PRO A 65 -28.75 -17.08 1.79
C PRO A 65 -29.74 -17.49 2.88
N GLN A 66 -30.29 -18.69 2.75
CA GLN A 66 -31.26 -19.26 3.69
C GLN A 66 -30.73 -19.31 5.12
N THR A 67 -29.47 -19.68 5.30
CA THR A 67 -28.89 -19.73 6.64
C THR A 67 -28.80 -18.33 7.27
N LEU A 68 -28.33 -17.36 6.48
CA LEU A 68 -28.21 -15.99 6.98
C LEU A 68 -29.56 -15.46 7.47
N LEU A 69 -30.58 -15.58 6.62
CA LEU A 69 -31.94 -15.15 6.98
C LEU A 69 -32.47 -15.88 8.22
N ALA A 70 -32.20 -17.17 8.33
CA ALA A 70 -32.62 -17.94 9.50
C ALA A 70 -31.96 -17.40 10.77
N TRP A 71 -30.70 -16.99 10.64
CA TRP A 71 -29.98 -16.40 11.76
C TRP A 71 -30.70 -15.15 12.24
N LEU A 72 -30.97 -14.24 11.30
CA LEU A 72 -31.56 -12.94 11.64
C LEU A 72 -32.97 -13.11 12.23
N ALA A 73 -33.70 -14.09 11.70
CA ALA A 73 -35.06 -14.40 12.20
C ALA A 73 -35.03 -14.99 13.60
N LEU A 74 -34.14 -15.95 13.84
CA LEU A 74 -33.99 -16.56 15.16
C LEU A 74 -33.61 -15.50 16.20
N LEU A 75 -32.64 -14.68 15.85
CA LEU A 75 -32.20 -13.60 16.74
C LEU A 75 -33.35 -12.64 17.03
N GLN A 76 -34.14 -12.34 16.01
CA GLN A 76 -35.28 -11.45 16.15
C GLN A 76 -36.33 -12.01 17.09
N CYS A 77 -36.40 -13.34 17.24
CA CYS A 77 -37.30 -13.99 18.20
C CYS A 77 -36.73 -13.99 19.63
N GLY A 78 -35.47 -13.59 19.78
CA GLY A 78 -34.80 -13.56 21.09
C GLY A 78 -34.19 -14.90 21.47
N ALA A 79 -34.00 -15.75 20.47
CA ALA A 79 -33.48 -17.10 20.67
C ALA A 79 -31.96 -17.12 20.89
N ARG A 80 -31.51 -18.04 21.75
CA ARG A 80 -30.10 -18.31 21.95
C ARG A 80 -29.67 -19.30 20.87
N VAL A 81 -28.86 -18.82 19.93
CA VAL A 81 -28.52 -19.60 18.73
C VAL A 81 -27.18 -20.29 18.86
N LEU A 82 -27.16 -21.59 18.59
CA LEU A 82 -25.92 -22.35 18.50
C LEU A 82 -25.73 -22.82 17.05
N PRO A 83 -24.92 -22.09 16.27
CA PRO A 83 -24.60 -22.56 14.94
C PRO A 83 -23.62 -23.73 15.00
N VAL A 84 -23.79 -24.71 14.11
CA VAL A 84 -23.00 -25.92 14.17
C VAL A 84 -22.45 -26.26 12.79
N ASN A 85 -21.13 -26.37 12.72
CA ASN A 85 -20.43 -26.93 11.57
C ASN A 85 -21.03 -28.29 11.24
N PRO A 86 -21.62 -28.44 10.04
CA PRO A 86 -22.21 -29.73 9.65
C PRO A 86 -21.23 -30.89 9.60
N GLN A 87 -19.93 -30.60 9.49
CA GLN A 87 -18.91 -31.64 9.46
C GLN A 87 -18.70 -32.34 10.81
N LEU A 88 -19.07 -31.72 11.92
CA LEU A 88 -18.87 -32.35 13.22
C LEU A 88 -19.61 -33.69 13.27
N PRO A 89 -19.01 -34.70 13.90
CA PRO A 89 -19.62 -36.04 13.85
C PRO A 89 -20.83 -36.19 14.77
N GLN A 90 -21.78 -36.99 14.32
CA GLN A 90 -22.97 -37.35 15.11
C GLN A 90 -22.66 -37.74 16.57
N PRO A 91 -21.67 -38.62 16.80
CA PRO A 91 -21.38 -39.00 18.20
C PRO A 91 -20.94 -37.83 19.07
N LEU A 92 -20.07 -36.99 18.53
CA LEU A 92 -19.59 -35.82 19.26
C LEU A 92 -20.74 -34.95 19.75
N LEU A 93 -21.66 -34.65 18.85
CA LEU A 93 -22.79 -33.79 19.15
C LEU A 93 -23.70 -34.36 20.23
N GLU A 94 -23.90 -35.68 20.23
CA GLU A 94 -24.68 -36.33 21.26
C GLU A 94 -24.08 -36.14 22.66
N GLU A 95 -22.76 -36.01 22.75
CA GLU A 95 -22.10 -35.70 24.01
C GLU A 95 -22.31 -34.23 24.42
N LEU A 96 -22.20 -33.32 23.47
CA LEU A 96 -22.33 -31.87 23.72
C LEU A 96 -23.74 -31.40 24.07
N LEU A 97 -24.68 -31.74 23.20
CA LEU A 97 -26.02 -31.11 23.16
C LEU A 97 -26.84 -31.12 24.45
N PRO A 98 -26.90 -32.28 25.14
CA PRO A 98 -27.71 -32.30 26.37
C PRO A 98 -27.26 -31.34 27.46
N ASN A 99 -26.00 -30.89 27.43
CA ASN A 99 -25.52 -29.84 28.34
C ASN A 99 -25.81 -28.42 27.89
N LEU A 100 -26.24 -28.25 26.65
CA LEU A 100 -26.39 -26.90 26.06
C LEU A 100 -27.80 -26.31 26.15
N THR A 101 -28.71 -27.02 26.82
CA THR A 101 -30.03 -26.47 27.14
C THR A 101 -30.76 -26.02 25.87
N LEU A 102 -30.78 -26.92 24.89
CA LEU A 102 -31.46 -26.73 23.62
C LEU A 102 -32.81 -27.45 23.64
N GLN A 103 -33.81 -26.86 23.00
CA GLN A 103 -35.08 -27.55 22.79
C GLN A 103 -35.49 -27.59 21.31
N PHE A 104 -34.60 -27.11 20.44
CA PHE A 104 -34.91 -26.97 19.02
C PHE A 104 -33.70 -27.29 18.15
N ALA A 105 -33.99 -27.70 16.91
CA ALA A 105 -32.96 -28.00 15.92
C ALA A 105 -33.45 -27.57 14.55
N LEU A 106 -32.67 -26.71 13.88
CA LEU A 106 -32.98 -26.30 12.52
C LEU A 106 -31.86 -26.81 11.62
N VAL A 107 -32.19 -27.75 10.76
CA VAL A 107 -31.23 -28.35 9.84
C VAL A 107 -31.80 -28.19 8.42
N PRO A 108 -31.60 -27.00 7.83
CA PRO A 108 -32.34 -26.58 6.63
C PRO A 108 -32.03 -27.39 5.36
N ASP A 109 -30.78 -27.81 5.23
CA ASP A 109 -30.34 -28.50 4.02
C ASP A 109 -30.41 -30.03 4.14
N GLY A 110 -30.79 -30.52 5.32
CA GLY A 110 -30.92 -31.96 5.56
C GLY A 110 -31.94 -32.31 6.63
N GLU A 111 -31.50 -33.10 7.61
CA GLU A 111 -32.39 -33.75 8.57
C GLU A 111 -31.96 -33.57 10.02
N ASN A 112 -32.92 -33.28 10.90
CA ASN A 112 -32.68 -33.36 12.34
C ASN A 112 -32.50 -34.82 12.75
N THR A 113 -31.43 -35.09 13.50
CA THR A 113 -31.07 -36.44 13.93
C THR A 113 -30.94 -36.49 15.45
N PHE A 114 -31.75 -35.69 16.14
CA PHE A 114 -31.72 -35.61 17.59
C PHE A 114 -33.17 -35.58 18.08
N PRO A 115 -33.77 -36.76 18.32
CA PRO A 115 -35.16 -36.82 18.78
C PRO A 115 -35.42 -36.00 20.05
N ALA A 116 -34.38 -35.76 20.86
CA ALA A 116 -34.51 -34.92 22.04
C ALA A 116 -34.86 -33.46 21.71
N LEU A 117 -34.61 -33.04 20.47
CA LEU A 117 -34.91 -31.67 20.04
C LEU A 117 -36.08 -31.63 19.07
N THR A 118 -36.91 -30.59 19.19
CA THR A 118 -38.07 -30.40 18.32
C THR A 118 -37.59 -29.93 16.94
N SER A 119 -37.95 -30.70 15.91
CA SER A 119 -37.53 -30.38 14.54
C SER A 119 -38.14 -29.06 14.09
N LEU A 120 -37.27 -28.10 13.75
CA LEU A 120 -37.70 -26.77 13.33
C LEU A 120 -37.57 -26.65 11.82
N HIS A 121 -38.60 -26.11 11.17
CA HIS A 121 -38.65 -25.99 9.72
C HIS A 121 -38.64 -24.54 9.27
N ILE A 122 -38.38 -24.35 7.99
CA ILE A 122 -38.43 -23.02 7.36
C ILE A 122 -39.85 -22.76 6.84
N GLN A 123 -40.55 -21.86 7.52
CA GLN A 123 -41.94 -21.56 7.22
C GLN A 123 -42.13 -20.06 7.08
N LEU A 124 -42.68 -19.64 5.94
CA LEU A 124 -42.91 -18.23 5.67
C LEU A 124 -44.36 -17.89 5.99
N VAL A 125 -44.57 -17.10 7.03
CA VAL A 125 -45.91 -16.73 7.49
C VAL A 125 -45.95 -15.24 7.82
N GLU A 126 -47.11 -14.62 7.65
CA GLU A 126 -47.33 -13.25 8.18
C GLU A 126 -47.22 -13.29 9.71
N GLY A 127 -46.85 -12.19 10.37
CA GLY A 127 -46.58 -10.89 9.74
C GLY A 127 -45.22 -10.27 10.07
N ALA A 128 -44.90 -10.14 11.35
CA ALA A 128 -43.71 -9.37 11.78
C ALA A 128 -43.25 -9.64 13.21
N HIS A 129 -43.32 -10.90 13.64
CA HIS A 129 -42.97 -11.24 15.02
C HIS A 129 -41.56 -10.81 15.40
N ALA A 130 -41.41 -10.25 16.59
CA ALA A 130 -40.11 -9.83 17.07
C ALA A 130 -40.11 -9.60 18.57
N ALA A 131 -39.10 -10.11 19.27
CA ALA A 131 -38.87 -9.75 20.66
C ALA A 131 -38.39 -8.29 20.76
N THR A 132 -38.38 -7.77 21.98
CA THR A 132 -37.91 -6.41 22.24
C THR A 132 -36.39 -6.36 22.11
N TRP A 133 -35.89 -5.37 21.37
CA TRP A 133 -34.44 -5.16 21.21
C TRP A 133 -33.77 -4.91 22.55
N GLN A 134 -32.81 -5.75 22.89
CA GLN A 134 -32.11 -5.67 24.16
C GLN A 134 -30.65 -6.07 23.94
N PRO A 135 -29.74 -5.09 23.88
CA PRO A 135 -28.31 -5.37 23.70
C PRO A 135 -27.73 -6.42 24.63
N THR A 136 -28.17 -6.46 25.89
CA THR A 136 -27.58 -7.39 26.86
C THR A 136 -28.19 -8.78 26.80
N ARG A 137 -29.14 -9.02 25.91
CA ARG A 137 -29.68 -10.35 25.74
C ARG A 137 -28.65 -11.30 25.14
N LEU A 138 -28.64 -12.54 25.65
CA LEU A 138 -27.77 -13.57 25.10
C LEU A 138 -28.14 -13.77 23.66
N CYS A 139 -27.12 -13.84 22.83
CA CYS A 139 -27.27 -13.87 21.38
C CYS A 139 -26.82 -15.21 20.77
N SER A 140 -25.58 -15.58 21.04
CA SER A 140 -24.92 -16.65 20.32
C SER A 140 -24.16 -17.59 21.24
N MET A 141 -24.13 -18.87 20.90
CA MET A 141 -23.26 -19.84 21.56
C MET A 141 -22.33 -20.39 20.48
N THR A 142 -21.02 -20.21 20.63
CA THR A 142 -20.07 -20.65 19.60
C THR A 142 -19.06 -21.67 20.15
N LEU A 143 -18.88 -22.75 19.40
CA LEU A 143 -18.02 -23.85 19.84
C LEU A 143 -16.55 -23.57 19.60
N THR A 144 -15.75 -23.88 20.61
CA THR A 144 -14.31 -23.82 20.52
C THR A 144 -13.73 -24.99 19.73
N SER A 145 -12.44 -24.91 19.41
CA SER A 145 -11.70 -26.01 18.78
C SER A 145 -10.31 -26.17 19.42
N SER A 147 -7.97 -28.22 19.94
CA SER A 147 -8.90 -29.11 20.64
C SER A 147 -8.24 -29.67 21.88
N THR A 148 -8.55 -29.07 23.03
CA THR A 148 -8.06 -29.57 24.32
C THR A 148 -8.97 -30.66 24.92
N GLY A 149 -9.87 -31.21 24.09
CA GLY A 149 -10.83 -32.23 24.52
C GLY A 149 -12.16 -32.02 23.82
N LEU A 150 -13.21 -31.84 24.62
CA LEU A 150 -14.52 -31.51 24.09
C LEU A 150 -14.67 -30.00 23.93
N PRO A 151 -15.30 -29.56 22.84
CA PRO A 151 -15.48 -28.13 22.60
C PRO A 151 -16.45 -27.50 23.59
N LYS A 152 -16.13 -26.28 24.03
CA LYS A 152 -16.99 -25.52 24.91
C LYS A 152 -17.84 -24.57 24.08
N ALA A 153 -18.95 -24.13 24.67
CA ALA A 153 -19.87 -23.20 24.03
C ALA A 153 -19.72 -21.83 24.68
N ALA A 154 -18.96 -20.97 24.03
CA ALA A 154 -18.76 -19.59 24.48
C ALA A 154 -20.00 -18.79 24.14
N VAL A 155 -20.55 -18.10 25.13
CA VAL A 155 -21.81 -17.37 24.96
C VAL A 155 -21.57 -15.86 24.91
N HIS A 156 -22.13 -15.22 23.88
CA HIS A 156 -22.01 -13.76 23.73
C HIS A 156 -23.38 -13.10 23.71
N THR A 157 -23.39 -11.84 24.18
CA THR A 157 -24.52 -10.95 24.01
C THR A 157 -24.41 -10.19 22.69
N TYR A 158 -25.50 -9.54 22.29
CA TYR A 158 -25.52 -8.65 21.15
C TYR A 158 -24.50 -7.52 21.37
N GLN A 159 -24.49 -6.98 22.59
CA GLN A 159 -23.57 -5.91 23.00
C GLN A 159 -22.12 -6.26 22.74
N ALA A 160 -21.74 -7.50 23.05
CA ALA A 160 -20.36 -7.95 22.85
C ALA A 160 -19.98 -8.01 21.37
N HIS A 161 -20.85 -8.59 20.55
CA HIS A 161 -20.64 -8.62 19.10
C HIS A 161 -20.54 -7.22 18.51
N LEU A 162 -21.40 -6.32 18.96
CA LEU A 162 -21.38 -4.95 18.49
C LEU A 162 -20.10 -4.24 18.95
N ALA A 163 -19.67 -4.54 20.18
CA ALA A 163 -18.38 -4.05 20.66
C ALA A 163 -17.20 -4.56 19.80
N SER A 164 -17.28 -5.81 19.36
CA SER A 164 -16.24 -6.36 18.45
C SER A 164 -16.17 -5.55 17.17
N ALA A 165 -17.31 -5.40 16.52
CA ALA A 165 -17.41 -4.65 15.29
C ALA A 165 -16.91 -3.21 15.48
N GLN A 166 -17.32 -2.57 16.57
CA GLN A 166 -16.92 -1.20 16.86
C GLN A 166 -15.41 -1.06 16.83
N GLY A 167 -14.73 -1.96 17.52
CA GLY A 167 -13.29 -1.92 17.62
C GLY A 167 -12.61 -2.11 16.26
N VAL A 168 -13.05 -3.13 15.53
CA VAL A 168 -12.43 -3.46 14.25
C VAL A 168 -12.63 -2.32 13.26
N LEU A 169 -13.84 -1.76 13.23
CA LEU A 169 -14.16 -0.68 12.29
C LEU A 169 -13.54 0.69 12.62
N SER A 170 -12.94 0.83 13.81
CA SER A 170 -12.15 2.01 14.14
C SER A 170 -10.79 1.97 13.42
N LEU A 171 -10.42 0.81 12.91
CA LEU A 171 -9.18 0.63 12.16
C LEU A 171 -9.45 0.46 10.66
N ILE A 172 -10.31 -0.48 10.31
CA ILE A 172 -10.59 -0.78 8.92
C ILE A 172 -11.67 0.16 8.38
N PRO A 173 -11.34 1.01 7.40
CA PRO A 173 -12.42 1.81 6.82
C PRO A 173 -13.41 0.92 6.07
N PHE A 174 -14.70 1.19 6.24
CA PHE A 174 -15.76 0.38 5.66
C PHE A 174 -16.93 1.29 5.40
N GLY A 175 -16.93 1.87 4.20
CA GLY A 175 -17.89 2.91 3.82
C GLY A 175 -19.28 2.36 3.61
N ASP A 176 -20.26 3.27 3.53
CA ASP A 176 -21.67 2.89 3.49
C ASP A 176 -22.05 2.06 2.26
N HIS A 177 -21.35 2.24 1.14
CA HIS A 177 -21.63 1.48 -0.08
C HIS A 177 -20.63 0.35 -0.33
N ASP A 178 -19.68 0.19 0.58
CA ASP A 178 -18.78 -0.95 0.56
C ASP A 178 -19.60 -2.22 0.87
N ASP A 179 -19.05 -3.34 0.45
CA ASP A 179 -19.75 -4.62 0.42
C ASP A 179 -18.79 -5.68 0.90
N TRP A 180 -19.07 -6.25 2.07
CA TRP A 180 -18.23 -7.25 2.69
C TRP A 180 -18.79 -8.63 2.30
N LEU A 181 -17.94 -9.50 1.76
CA LEU A 181 -18.35 -10.86 1.44
C LEU A 181 -18.43 -11.70 2.71
N LEU A 182 -19.56 -12.37 2.90
CA LEU A 182 -19.67 -13.39 3.95
C LEU A 182 -18.79 -14.54 3.46
N SER A 183 -17.53 -14.48 3.87
CA SER A 183 -16.49 -15.32 3.30
C SER A 183 -16.01 -16.40 4.25
N LEU A 184 -16.52 -16.43 5.47
CA LEU A 184 -16.14 -17.45 6.44
C LEU A 184 -17.38 -17.93 7.18
N PRO A 185 -17.31 -19.10 7.82
CA PRO A 185 -18.51 -19.67 8.43
C PRO A 185 -19.15 -18.85 9.54
N LEU A 186 -20.49 -18.75 9.51
CA LEU A 186 -21.28 -18.22 10.62
C LEU A 186 -21.23 -19.09 11.87
N PHE A 187 -20.80 -20.36 11.73
CA PHE A 187 -20.53 -21.17 12.92
C PHE A 187 -19.17 -20.89 13.58
N HIS A 188 -18.32 -20.08 12.94
CA HIS A 188 -17.13 -19.51 13.62
C HIS A 188 -17.39 -18.03 13.91
N VAL A 189 -16.62 -17.44 14.83
CA VAL A 189 -16.79 -16.00 15.12
C VAL A 189 -16.35 -15.11 13.95
N SER A 190 -15.42 -15.62 13.14
CA SER A 190 -14.98 -14.88 11.96
C SER A 190 -16.14 -14.52 11.04
N GLY A 191 -17.03 -15.48 10.77
CA GLY A 191 -18.21 -15.25 9.92
C GLY A 191 -19.29 -14.41 10.61
N GLN A 192 -19.49 -14.65 11.90
CA GLN A 192 -20.42 -13.86 12.69
C GLN A 192 -19.98 -12.39 12.74
N GLY A 193 -18.69 -12.18 12.93
CA GLY A 193 -18.09 -10.83 12.91
C GLY A 193 -18.37 -10.07 11.64
N ILE A 194 -18.40 -10.75 10.50
CA ILE A 194 -18.73 -10.10 9.23
C ILE A 194 -20.17 -9.59 9.26
N MET A 195 -21.09 -10.47 9.65
CA MET A 195 -22.50 -10.08 9.76
C MET A 195 -22.63 -8.84 10.64
N TRP A 196 -22.00 -8.85 11.82
CA TRP A 196 -22.14 -7.73 12.74
C TRP A 196 -21.43 -6.44 12.30
N LYS A 197 -20.31 -6.55 11.58
CA LYS A 197 -19.63 -5.36 11.06
C LYS A 197 -20.49 -4.72 9.98
N TRP A 198 -21.07 -5.57 9.13
CA TRP A 198 -22.05 -5.14 8.15
C TRP A 198 -23.20 -4.38 8.80
N LEU A 199 -23.77 -4.95 9.85
CA LEU A 199 -24.90 -4.31 10.53
C LEU A 199 -24.47 -3.07 11.31
N TYR A 200 -23.29 -3.09 11.92
CA TYR A 200 -22.78 -1.91 12.65
C TYR A 200 -22.61 -0.70 11.74
N ALA A 201 -22.00 -0.91 10.59
CA ALA A 201 -21.80 0.18 9.65
C ALA A 201 -23.06 0.52 8.86
N GLY A 202 -24.00 -0.43 8.74
CA GLY A 202 -25.17 -0.25 7.89
C GLY A 202 -24.79 -0.17 6.42
N ALA A 203 -23.74 -0.90 6.04
CA ALA A 203 -23.27 -0.90 4.66
C ALA A 203 -23.91 -2.07 3.92
N ARG A 204 -23.12 -2.87 3.21
CA ARG A 204 -23.63 -4.01 2.46
C ARG A 204 -22.86 -5.28 2.74
N MET A 205 -23.57 -6.40 2.68
CA MET A 205 -22.97 -7.72 2.74
C MET A 205 -23.42 -8.54 1.52
N THR A 206 -22.58 -9.48 1.12
CA THR A 206 -22.92 -10.41 0.04
C THR A 206 -22.90 -11.82 0.58
N VAL A 207 -23.99 -12.54 0.37
CA VAL A 207 -24.04 -13.97 0.63
C VAL A 207 -24.19 -14.69 -0.70
N ARG A 208 -23.21 -15.53 -1.02
CA ARG A 208 -23.32 -16.41 -2.18
C ARG A 208 -23.10 -17.85 -1.79
N ASP A 209 -23.75 -18.75 -2.53
CA ASP A 209 -23.55 -20.18 -2.37
C ASP A 209 -22.10 -20.53 -2.64
N LYS A 210 -21.56 -21.51 -1.92
CA LYS A 210 -20.13 -21.82 -2.02
C LYS A 210 -19.75 -22.11 -3.47
N GLN A 211 -18.66 -21.48 -3.89
CA GLN A 211 -18.16 -21.58 -5.25
C GLN A 211 -16.75 -20.97 -5.20
N PRO A 212 -16.01 -21.01 -6.31
CA PRO A 212 -14.66 -20.43 -6.23
C PRO A 212 -14.70 -19.00 -5.67
N LEU A 213 -13.71 -18.67 -4.85
CA LEU A 213 -13.71 -17.45 -4.07
C LEU A 213 -13.71 -16.18 -4.93
N GLU A 214 -13.00 -16.22 -6.05
CA GLU A 214 -12.93 -15.07 -6.96
C GLU A 214 -14.30 -14.71 -7.55
N GLN A 215 -15.14 -15.72 -7.74
CA GLN A 215 -16.49 -15.51 -8.25
C GLN A 215 -17.41 -15.06 -7.11
N MET A 216 -17.19 -15.60 -5.92
CA MET A 216 -17.90 -15.13 -4.73
C MET A 216 -17.66 -13.64 -4.48
N LEU A 217 -16.45 -13.18 -4.78
CA LEU A 217 -16.02 -11.80 -4.52
C LEU A 217 -16.47 -10.75 -5.52
N ALA A 218 -17.14 -11.15 -6.60
CA ALA A 218 -17.54 -10.19 -7.64
C ALA A 218 -18.35 -9.03 -7.06
N GLY A 219 -17.82 -7.82 -7.18
CA GLY A 219 -18.49 -6.61 -6.66
C GLY A 219 -18.32 -6.35 -5.17
N CYS A 220 -17.57 -7.19 -4.47
CA CYS A 220 -17.33 -6.99 -3.04
C CYS A 220 -16.07 -6.15 -2.86
N THR A 221 -16.07 -5.29 -1.83
CA THR A 221 -14.89 -4.47 -1.53
C THR A 221 -14.10 -5.01 -0.35
N HIS A 222 -14.74 -5.85 0.46
CA HIS A 222 -14.17 -6.30 1.72
C HIS A 222 -14.37 -7.80 1.88
N ALA A 223 -13.48 -8.43 2.63
CA ALA A 223 -13.60 -9.84 2.95
C ALA A 223 -12.75 -10.18 4.15
N SER A 224 -13.16 -11.17 4.91
CA SER A 224 -12.35 -11.68 6.00
C SER A 224 -11.90 -13.07 5.57
N LEU A 225 -10.58 -13.27 5.52
CA LEU A 225 -9.98 -14.48 5.01
C LEU A 225 -8.92 -15.06 5.94
N VAL A 226 -8.81 -16.39 5.93
CA VAL A 226 -7.62 -17.07 6.47
C VAL A 226 -6.52 -17.03 5.40
N PRO A 227 -5.24 -17.11 5.80
CA PRO A 227 -4.12 -17.03 4.85
C PRO A 227 -4.26 -17.90 3.59
N THR A 228 -4.59 -19.19 3.76
CA THR A 228 -4.77 -20.09 2.61
C THR A 228 -5.72 -19.54 1.57
N GLN A 229 -6.84 -18.96 1.99
CA GLN A 229 -7.79 -18.40 1.04
C GLN A 229 -7.17 -17.30 0.21
N LEU A 230 -6.47 -16.39 0.86
CA LEU A 230 -5.84 -15.28 0.16
C LEU A 230 -4.74 -15.80 -0.77
N TRP A 231 -3.99 -16.80 -0.31
CA TRP A 231 -2.98 -17.45 -1.15
C TRP A 231 -3.59 -17.96 -2.46
N ARG A 232 -4.74 -18.63 -2.38
CA ARG A 232 -5.45 -19.12 -3.56
C ARG A 232 -5.72 -18.02 -4.58
N LEU A 233 -6.12 -16.85 -4.08
CA LEU A 233 -6.41 -15.72 -4.96
C LEU A 233 -5.16 -15.19 -5.66
N LEU A 234 -4.06 -15.11 -4.93
CA LEU A 234 -2.83 -14.52 -5.45
C LEU A 234 -2.15 -15.46 -6.46
N VAL A 235 -2.08 -16.74 -6.14
CA VAL A 235 -1.52 -17.75 -7.05
C VAL A 235 -2.23 -17.76 -8.41
N ASN A 236 -3.56 -17.73 -8.38
CA ASN A 236 -4.36 -17.69 -9.60
C ASN A 236 -4.36 -16.34 -10.30
N ARG A 237 -3.89 -15.29 -9.60
CA ARG A 237 -3.91 -13.93 -10.12
C ARG A 237 -5.31 -13.53 -10.60
N SER A 238 -6.30 -13.77 -9.74
CA SER A 238 -7.72 -13.55 -10.06
C SER A 238 -8.05 -12.06 -10.09
N SER A 239 -8.92 -11.67 -11.01
CA SER A 239 -9.37 -10.28 -11.13
C SER A 239 -10.39 -9.97 -10.05
N VAL A 240 -9.90 -9.49 -8.90
CA VAL A 240 -10.76 -9.13 -7.77
C VAL A 240 -10.58 -7.64 -7.44
N SER A 241 -11.70 -6.98 -7.09
CA SER A 241 -11.71 -5.53 -6.82
C SER A 241 -11.86 -5.23 -5.31
N LEU A 242 -10.80 -5.48 -4.55
CA LEU A 242 -10.86 -5.40 -3.08
C LEU A 242 -10.16 -4.16 -2.47
N LYS A 243 -10.92 -3.38 -1.71
CA LYS A 243 -10.37 -2.27 -0.94
C LYS A 243 -9.71 -2.72 0.36
N ALA A 244 -10.10 -3.88 0.88
CA ALA A 244 -9.62 -4.33 2.19
C ALA A 244 -9.87 -5.82 2.47
N VAL A 245 -8.87 -6.49 3.02
CA VAL A 245 -9.00 -7.86 3.50
C VAL A 245 -8.58 -7.88 4.96
N LEU A 246 -9.40 -8.46 5.83
CA LEU A 246 -8.97 -8.71 7.20
C LEU A 246 -8.53 -10.15 7.26
N LEU A 247 -7.28 -10.36 7.67
CA LEU A 247 -6.73 -11.69 7.83
C LEU A 247 -6.71 -12.09 9.29
N GLY A 248 -6.83 -13.39 9.53
CA GLY A 248 -6.66 -13.92 10.88
C GLY A 248 -6.71 -15.42 10.92
N GLY A 249 -6.77 -15.96 12.14
CA GLY A 249 -6.92 -17.41 12.36
C GLY A 249 -5.62 -18.14 12.65
N ALA A 250 -4.53 -17.58 12.15
CA ALA A 250 -3.19 -18.12 12.34
C ALA A 250 -2.21 -17.00 12.03
N ALA A 251 -0.92 -17.29 12.12
CA ALA A 251 0.09 -16.30 11.75
C ALA A 251 0.00 -15.97 10.27
N ILE A 252 0.42 -14.77 9.94
CA ILE A 252 0.22 -14.19 8.64
C ILE A 252 1.61 -13.85 8.13
N PRO A 253 2.05 -14.53 7.04
CA PRO A 253 3.41 -14.28 6.64
C PRO A 253 3.55 -12.98 5.88
N VAL A 254 4.70 -12.34 6.05
CA VAL A 254 4.99 -11.08 5.41
C VAL A 254 4.96 -11.21 3.88
N GLU A 255 5.35 -12.36 3.35
CA GLU A 255 5.40 -12.52 1.89
C GLU A 255 4.00 -12.62 1.28
N LEU A 256 3.05 -13.22 2.00
CA LEU A 256 1.62 -13.18 1.60
C LEU A 256 1.16 -11.73 1.47
N THR A 257 1.45 -10.98 2.51
CA THR A 257 0.98 -9.63 2.63
C THR A 257 1.63 -8.72 1.57
N GLU A 258 2.93 -8.91 1.32
CA GLU A 258 3.61 -8.18 0.25
C GLU A 258 3.02 -8.53 -1.13
N GLN A 259 2.84 -9.83 -1.38
CA GLN A 259 2.22 -10.27 -2.64
C GLN A 259 0.80 -9.74 -2.82
N ALA A 260 0.09 -9.57 -1.71
CA ALA A 260 -1.24 -8.95 -1.74
C ALA A 260 -1.19 -7.49 -2.20
N ARG A 261 -0.22 -6.73 -1.69
CA ARG A 261 -0.06 -5.31 -2.07
C ARG A 261 0.29 -5.17 -3.55
N GLU A 262 1.20 -6.02 -4.01
CA GLU A 262 1.54 -6.11 -5.43
C GLU A 262 0.27 -6.13 -6.27
N GLN A 263 -0.66 -7.02 -5.90
CA GLN A 263 -1.89 -7.22 -6.69
C GLN A 263 -3.03 -6.29 -6.28
N GLY A 264 -2.71 -5.20 -5.59
CA GLY A 264 -3.70 -4.17 -5.26
C GLY A 264 -4.65 -4.49 -4.13
N ILE A 265 -4.26 -5.40 -3.24
CA ILE A 265 -5.12 -5.80 -2.11
C ILE A 265 -4.51 -5.29 -0.82
N ARG A 266 -5.17 -4.31 -0.21
CA ARG A 266 -4.76 -3.74 1.06
C ARG A 266 -5.15 -4.67 2.20
N CYS A 267 -4.15 -5.17 2.93
CA CYS A 267 -4.39 -6.16 3.98
C CYS A 267 -4.35 -5.59 5.39
N PHE A 268 -5.16 -6.19 6.25
CA PHE A 268 -5.10 -5.93 7.68
C PHE A 268 -4.88 -7.26 8.35
N CYS A 269 -4.05 -7.26 9.39
CA CYS A 269 -3.71 -8.46 10.13
C CYS A 269 -4.38 -8.39 11.49
N GLY A 270 -4.90 -9.53 11.94
CA GLY A 270 -5.65 -9.59 13.18
C GLY A 270 -5.30 -10.77 14.06
N TYR A 271 -5.45 -10.56 15.36
CA TYR A 271 -5.38 -11.61 16.36
C TYR A 271 -6.73 -11.68 17.05
N GLY A 272 -7.45 -12.78 16.84
CA GLY A 272 -8.82 -12.94 17.34
C GLY A 272 -9.06 -14.31 17.94
N LEU A 273 -10.10 -14.42 18.76
CA LEU A 273 -10.45 -15.67 19.44
C LEU A 273 -11.94 -15.86 19.50
N THR A 274 -12.37 -17.11 19.57
CA THR A 274 -13.77 -17.45 19.75
C THR A 274 -14.32 -16.80 21.02
N GLU A 275 -13.53 -16.77 22.08
CA GLU A 275 -13.95 -16.23 23.36
C GLU A 275 -14.22 -14.73 23.30
N PHE A 276 -13.70 -14.07 22.27
CA PHE A 276 -13.80 -12.62 22.14
C PHE A 276 -14.58 -12.15 20.90
N ALA A 277 -15.37 -13.05 20.31
CA ALA A 277 -16.21 -12.75 19.15
C ALA A 277 -15.43 -12.19 17.96
N SER A 278 -14.17 -12.63 17.87
CA SER A 278 -13.22 -12.35 16.79
C SER A 278 -12.10 -11.44 17.27
N THR A 279 -11.80 -10.41 16.49
CA THR A 279 -10.54 -9.69 16.58
C THR A 279 -10.31 -8.92 17.90
N VAL A 280 -9.11 -9.05 18.43
CA VAL A 280 -8.69 -8.34 19.64
C VAL A 280 -7.57 -7.33 19.34
N CYS A 281 -6.50 -7.79 18.68
CA CYS A 281 -5.42 -6.92 18.24
C CYS A 281 -5.39 -6.93 16.74
N ALA A 282 -5.03 -5.79 16.15
CA ALA A 282 -5.00 -5.69 14.72
C ALA A 282 -4.12 -4.53 14.26
N LYS A 283 -3.84 -4.51 12.96
CA LYS A 283 -3.06 -3.45 12.36
C LYS A 283 -3.20 -3.55 10.86
N GLU A 284 -2.80 -2.49 10.17
CA GLU A 284 -2.58 -2.57 8.72
C GLU A 284 -1.25 -3.30 8.51
N ALA A 285 -1.16 -4.17 7.51
CA ALA A 285 0.06 -4.94 7.28
C ALA A 285 1.22 -4.02 6.98
N ASP A 286 2.39 -4.30 7.55
CA ASP A 286 3.54 -3.40 7.43
C ASP A 286 4.91 -4.10 7.34
N GLY A 287 4.94 -5.40 7.01
CA GLY A 287 6.21 -6.12 6.89
C GLY A 287 6.84 -6.60 8.19
N LEU A 288 6.22 -6.27 9.32
CA LEU A 288 6.71 -6.70 10.62
C LEU A 288 5.90 -7.89 11.13
N ALA A 289 6.44 -8.58 12.12
CA ALA A 289 5.91 -9.85 12.57
C ALA A 289 4.83 -9.74 13.65
N ASP A 290 4.78 -8.61 14.36
CA ASP A 290 3.76 -8.38 15.38
C ASP A 290 2.36 -8.41 14.78
N VAL A 291 1.33 -8.44 15.64
CA VAL A 291 -0.06 -8.36 15.17
C VAL A 291 -0.71 -7.03 15.54
N GLY A 292 0.11 -6.02 15.81
CA GLY A 292 -0.37 -4.69 16.14
C GLY A 292 -0.79 -4.56 17.59
N SER A 293 -1.39 -3.42 17.92
CA SER A 293 -1.81 -3.09 19.27
C SER A 293 -3.25 -3.53 19.50
N PRO A 294 -3.70 -3.53 20.76
CA PRO A 294 -5.10 -3.84 21.05
C PRO A 294 -6.01 -2.76 20.49
N LEU A 295 -7.19 -3.15 20.04
CA LEU A 295 -8.15 -2.22 19.49
C LEU A 295 -8.77 -1.40 20.63
N PRO A 296 -9.48 -0.30 20.29
CA PRO A 296 -10.18 0.48 21.31
C PRO A 296 -11.11 -0.36 22.19
N GLY A 297 -10.94 -0.24 23.50
CA GLY A 297 -11.76 -0.98 24.46
C GLY A 297 -11.26 -2.40 24.70
N ARG A 298 -9.94 -2.57 24.69
CA ARG A 298 -9.29 -3.86 24.85
C ARG A 298 -7.93 -3.73 25.55
N GLU A 299 -7.65 -4.66 26.45
CA GLU A 299 -6.39 -4.69 27.18
C GLU A 299 -5.69 -6.03 26.95
N VAL A 300 -4.38 -5.97 26.79
CA VAL A 300 -3.54 -7.16 26.73
C VAL A 300 -2.43 -7.03 27.77
N LYS A 301 -2.08 -8.15 28.42
CA LYS A 301 -0.79 -8.21 29.11
C LYS A 301 -0.20 -9.62 29.13
N ILE A 302 1.12 -9.65 29.25
CA ILE A 302 1.88 -10.89 29.27
C ILE A 302 2.26 -11.20 30.72
N VAL A 303 1.80 -12.34 31.24
CA VAL A 303 2.31 -12.88 32.50
C VAL A 303 2.90 -14.26 32.18
N ASN A 304 4.17 -14.47 32.56
CA ASN A 304 4.89 -15.71 32.27
C ASN A 304 4.81 -16.15 30.81
N ASN A 305 5.03 -15.17 29.92
CA ASN A 305 4.98 -15.35 28.47
C ASN A 305 3.62 -15.75 27.94
N GLU A 306 2.59 -15.70 28.78
CA GLU A 306 1.23 -16.06 28.37
C GLU A 306 0.39 -14.79 28.18
N VAL A 307 -0.40 -14.79 27.11
CA VAL A 307 -1.21 -13.63 26.76
C VAL A 307 -2.49 -13.64 27.58
N TRP A 308 -2.75 -12.54 28.27
CA TRP A 308 -3.92 -12.40 29.12
C TRP A 308 -4.77 -11.26 28.55
N LEU A 309 -6.08 -11.47 28.46
CA LEU A 309 -6.97 -10.52 27.76
C LEU A 309 -8.16 -10.05 28.59
N ARG A 310 -8.58 -8.80 28.32
CA ARG A 310 -9.88 -8.26 28.71
C ARG A 310 -10.43 -7.46 27.52
N ALA A 311 -11.74 -7.50 27.35
CA ALA A 311 -12.40 -6.67 26.33
C ALA A 311 -13.88 -6.65 26.55
N ALA A 312 -14.53 -5.60 26.06
CA ALA A 312 -15.99 -5.53 26.07
C ALA A 312 -16.63 -6.60 25.16
N SER A 313 -15.85 -7.17 24.24
CA SER A 313 -16.36 -8.23 23.36
C SER A 313 -16.23 -9.63 23.98
N MET A 314 -15.78 -9.72 25.23
CA MET A 314 -15.62 -11.02 25.87
C MET A 314 -16.96 -11.73 26.09
N ALA A 315 -16.95 -13.04 25.99
CA ALA A 315 -18.11 -13.89 26.25
C ALA A 315 -18.54 -13.79 27.71
N GLU A 316 -19.84 -13.95 27.96
CA GLU A 316 -20.37 -13.95 29.33
C GLU A 316 -19.86 -15.13 30.13
N GLY A 317 -19.57 -16.22 29.44
CA GLY A 317 -19.08 -17.44 30.04
C GLY A 317 -19.19 -18.59 29.06
N TYR A 318 -18.75 -19.78 29.51
CA TYR A 318 -19.04 -21.01 28.80
C TYR A 318 -20.35 -21.59 29.33
N TRP A 319 -21.16 -22.15 28.46
CA TRP A 319 -22.46 -22.69 28.87
C TRP A 319 -22.35 -24.14 29.38
N ARG A 320 -22.66 -24.34 30.67
CA ARG A 320 -22.65 -25.67 31.30
C ARG A 320 -23.99 -25.97 31.97
N ASN A 321 -24.74 -26.89 31.38
CA ASN A 321 -26.07 -27.31 31.86
C ASN A 321 -26.91 -26.22 32.51
N GLY A 322 -27.14 -25.13 31.78
CA GLY A 322 -28.01 -24.04 32.25
C GLY A 322 -27.29 -22.93 32.99
N GLN A 323 -26.06 -23.19 33.45
CA GLN A 323 -25.26 -22.16 34.13
C GLN A 323 -24.23 -21.58 33.17
N LEU A 324 -23.82 -20.34 33.45
CA LEU A 324 -22.72 -19.69 32.74
C LEU A 324 -21.46 -19.75 33.59
N VAL A 325 -20.47 -20.50 33.12
CA VAL A 325 -19.20 -20.60 33.81
C VAL A 325 -18.31 -19.44 33.37
N SER A 326 -17.76 -18.73 34.35
CA SER A 326 -16.95 -17.55 34.07
C SER A 326 -15.68 -17.93 33.31
N LEU A 327 -15.28 -17.06 32.37
CA LEU A 327 -14.07 -17.23 31.55
C LEU A 327 -12.80 -16.76 32.26
N VAL A 328 -12.95 -15.79 33.17
CA VAL A 328 -11.80 -15.07 33.71
C VAL A 328 -11.23 -15.70 34.98
N ASN A 329 -9.95 -15.50 35.19
CA ASN A 329 -9.24 -16.03 36.36
C ASN A 329 -9.49 -15.18 37.61
N ASP A 330 -8.78 -15.50 38.69
CA ASP A 330 -8.82 -14.75 39.94
C ASP A 330 -8.63 -13.23 39.79
N GLU A 331 -7.84 -12.81 38.80
CA GLU A 331 -7.56 -11.39 38.60
C GLU A 331 -8.38 -10.71 37.49
N GLY A 332 -9.44 -11.36 37.05
CA GLY A 332 -10.36 -10.76 36.06
C GLY A 332 -9.87 -10.74 34.63
N TRP A 333 -8.87 -11.56 34.29
CA TRP A 333 -8.34 -11.66 32.92
C TRP A 333 -8.65 -13.03 32.32
N TYR A 334 -8.73 -13.08 31.00
CA TYR A 334 -8.84 -14.34 30.31
C TYR A 334 -7.44 -14.81 29.96
N ALA A 335 -7.08 -16.00 30.45
CA ALA A 335 -5.81 -16.63 30.13
C ALA A 335 -5.94 -17.45 28.84
N THR A 336 -5.31 -16.98 27.77
CA THR A 336 -5.54 -17.52 26.42
C THR A 336 -4.86 -18.87 26.16
N ARG A 337 -3.82 -19.17 26.92
CA ARG A 337 -2.89 -20.26 26.63
C ARG A 337 -2.07 -20.00 25.36
N ASP A 338 -2.09 -18.77 24.86
CA ASP A 338 -1.19 -18.36 23.79
C ASP A 338 0.07 -17.81 24.42
N ARG A 339 1.22 -18.18 23.88
CA ARG A 339 2.47 -17.53 24.26
C ARG A 339 2.65 -16.29 23.41
N GLY A 340 3.14 -15.22 24.03
CA GLY A 340 3.32 -13.96 23.32
C GLY A 340 4.23 -12.99 24.02
N GLU A 341 4.65 -11.97 23.29
CA GLU A 341 5.53 -10.90 23.77
C GLU A 341 4.91 -9.55 23.50
N MET A 342 5.41 -8.54 24.21
CA MET A 342 4.88 -7.18 24.11
C MET A 342 6.04 -6.17 23.97
N HIS A 343 6.02 -5.41 22.88
CA HIS A 343 7.05 -4.40 22.60
C HIS A 343 6.38 -3.21 21.95
N ASN A 344 6.67 -2.00 22.43
CA ASN A 344 6.11 -0.74 21.90
C ASN A 344 4.58 -0.71 21.89
N GLY A 345 3.97 -1.43 22.83
CA GLY A 345 2.51 -1.57 22.85
C GLY A 345 1.93 -2.46 21.76
N LYS A 346 2.79 -3.18 21.04
CA LYS A 346 2.36 -4.14 20.03
C LYS A 346 2.56 -5.57 20.51
N LEU A 347 1.60 -6.43 20.17
CA LEU A 347 1.64 -7.83 20.56
C LEU A 347 2.32 -8.70 19.49
N THR A 348 3.16 -9.63 19.93
CA THR A 348 3.72 -10.64 19.04
C THR A 348 3.26 -12.00 19.56
N ILE A 349 2.70 -12.81 18.68
CA ILE A 349 2.21 -14.13 19.03
C ILE A 349 3.29 -15.15 18.70
N VAL A 350 3.81 -15.82 19.72
CA VAL A 350 4.87 -16.79 19.54
C VAL A 350 4.29 -18.14 19.10
N GLY A 351 3.25 -18.59 19.80
CA GLY A 351 2.54 -19.81 19.45
C GLY A 351 1.71 -20.35 20.60
N ARG A 352 1.02 -21.46 20.38
CA ARG A 352 0.25 -22.08 21.45
C ARG A 352 1.13 -22.86 22.41
N LEU A 353 0.93 -22.63 23.71
CA LEU A 353 1.58 -23.43 24.75
C LEU A 353 1.51 -24.92 24.43
N ASP A 354 0.30 -25.41 24.18
CA ASP A 354 0.07 -26.84 23.99
C ASP A 354 0.75 -27.43 22.73
N ASN A 355 1.08 -26.59 21.75
CA ASN A 355 1.81 -27.05 20.56
C ASN A 355 3.31 -27.22 20.80
N LEU A 356 3.82 -26.64 21.88
CA LEU A 356 5.22 -26.80 22.26
C LEU A 356 5.53 -28.28 22.45
N PHE A 357 6.70 -28.71 21.99
CA PHE A 357 7.21 -30.05 22.28
C PHE A 357 8.73 -30.03 22.37
N PHE A 358 9.30 -31.04 23.04
CA PHE A 358 10.73 -31.10 23.28
C PHE A 358 11.44 -32.19 22.47
N SER A 359 12.64 -31.86 22.02
CA SER A 359 13.48 -32.75 21.23
C SER A 359 14.89 -32.68 21.80
N GLY A 360 15.27 -33.75 22.49
CA GLY A 360 16.60 -33.83 23.10
C GLY A 360 16.85 -32.77 24.17
N GLY A 361 15.79 -32.31 24.83
CA GLY A 361 15.90 -31.27 25.84
C GLY A 361 15.59 -29.86 25.35
N GLU A 362 15.84 -29.59 24.07
CA GLU A 362 15.48 -28.30 23.47
C GLU A 362 13.99 -28.22 23.15
N GLY A 363 13.38 -27.10 23.54
CA GLY A 363 11.97 -26.86 23.27
C GLY A 363 11.78 -26.40 21.84
N ILE A 364 10.83 -27.01 21.13
CA ILE A 364 10.49 -26.56 19.79
C ILE A 364 9.07 -26.00 19.80
N GLN A 365 8.94 -24.75 19.35
CA GLN A 365 7.67 -24.09 19.19
C GLN A 365 7.36 -24.08 17.72
N PRO A 366 6.49 -24.99 17.26
CA PRO A 366 6.34 -25.21 15.83
C PRO A 366 6.07 -23.93 15.02
N GLU A 367 5.24 -23.05 15.57
CA GLU A 367 4.87 -21.79 14.91
C GLU A 367 6.11 -20.91 14.67
N GLU A 368 7.02 -20.85 15.63
CA GLU A 368 8.30 -20.15 15.45
C GLU A 368 9.05 -20.68 14.23
N VAL A 369 9.09 -22.00 14.08
CA VAL A 369 9.83 -22.64 13.01
C VAL A 369 9.10 -22.44 11.68
N GLU A 370 7.78 -22.60 11.72
CA GLU A 370 6.91 -22.34 10.57
C GLU A 370 7.08 -20.94 10.02
N ARG A 371 7.14 -19.96 10.92
CA ARG A 371 7.32 -18.56 10.55
C ARG A 371 8.58 -18.36 9.72
N VAL A 372 9.67 -19.01 10.13
CA VAL A 372 10.93 -18.92 9.40
C VAL A 372 10.81 -19.55 8.00
N ILE A 373 10.26 -20.75 7.94
CA ILE A 373 10.14 -21.46 6.65
C ILE A 373 9.21 -20.74 5.68
N ALA A 374 8.17 -20.10 6.21
CA ALA A 374 7.18 -19.34 5.41
C ALA A 374 7.76 -18.13 4.70
N ALA A 375 8.97 -17.74 5.06
CA ALA A 375 9.69 -16.71 4.31
C ALA A 375 10.03 -17.11 2.86
N HIS A 376 10.15 -18.42 2.59
CA HIS A 376 10.55 -18.88 1.25
C HIS A 376 9.44 -18.64 0.22
N PRO A 377 9.78 -18.04 -0.95
CA PRO A 377 8.78 -17.64 -1.98
C PRO A 377 7.86 -18.76 -2.48
N ALA A 378 8.42 -19.95 -2.67
CA ALA A 378 7.65 -21.13 -3.10
C ALA A 378 6.79 -21.75 -2.00
N VAL A 379 6.94 -21.34 -0.75
CA VAL A 379 6.15 -21.91 0.34
C VAL A 379 4.75 -21.30 0.38
N LEU A 380 3.78 -22.16 0.63
CA LEU A 380 2.38 -21.78 0.64
C LEU A 380 1.79 -22.15 1.99
N GLN A 381 1.94 -23.42 2.38
CA GLN A 381 1.64 -23.85 3.74
C GLN A 381 2.85 -24.56 4.33
N VAL A 382 2.91 -24.57 5.65
CA VAL A 382 3.99 -25.20 6.37
C VAL A 382 3.54 -25.49 7.81
N PHE A 383 3.65 -26.76 8.20
CA PHE A 383 3.32 -27.18 9.55
C PHE A 383 4.47 -28.01 10.05
N ILE A 384 4.90 -27.73 11.28
CA ILE A 384 6.01 -28.43 11.91
C ILE A 384 5.39 -29.35 12.95
N VAL A 385 5.59 -30.65 12.76
CA VAL A 385 4.90 -31.68 13.53
C VAL A 385 5.93 -32.54 14.27
N PRO A 386 5.63 -32.89 15.53
CA PRO A 386 6.49 -33.81 16.26
C PRO A 386 6.29 -35.27 15.85
N VAL A 387 7.39 -36.00 15.73
CA VAL A 387 7.35 -37.45 15.57
C VAL A 387 8.19 -38.08 16.69
N ALA A 388 7.73 -39.21 17.23
CA ALA A 388 8.45 -39.91 18.30
C ALA A 388 9.82 -40.44 17.83
N ASP A 389 10.73 -40.61 18.77
CA ASP A 389 12.13 -40.93 18.45
C ASP A 389 12.81 -41.64 19.63
N LYS A 390 13.69 -42.59 19.30
CA LYS A 390 14.47 -43.32 20.28
C LYS A 390 15.83 -42.65 20.53
N PHE A 392 16.06 -38.96 21.63
CA PHE A 392 15.54 -37.63 21.32
C PHE A 392 14.19 -37.34 22.00
N GLY A 393 13.30 -38.33 22.04
CA GLY A 393 11.94 -38.18 22.59
C GLY A 393 10.94 -37.85 21.50
N HIS A 394 11.14 -36.69 20.87
CA HIS A 394 10.40 -36.31 19.67
C HIS A 394 11.33 -35.52 18.75
N ARG A 395 10.99 -35.48 17.47
CA ARG A 395 11.77 -34.70 16.50
C ARG A 395 10.86 -34.02 15.47
N PRO A 396 11.31 -32.88 14.91
CA PRO A 396 10.47 -32.09 14.02
C PRO A 396 10.41 -32.63 12.59
N VAL A 397 9.19 -32.76 12.07
CA VAL A 397 8.94 -33.09 10.67
C VAL A 397 8.16 -31.96 10.02
N ALA A 398 8.59 -31.53 8.84
CA ALA A 398 7.91 -30.48 8.10
C ALA A 398 6.87 -31.09 7.14
N VAL A 399 5.62 -30.67 7.28
CA VAL A 399 4.56 -31.05 6.33
C VAL A 399 4.18 -29.80 5.53
N MET A 400 4.26 -29.90 4.21
CA MET A 400 4.27 -28.72 3.34
C MET A 400 3.20 -28.68 2.25
N GLU A 401 2.95 -27.48 1.74
CA GLU A 401 2.31 -27.26 0.46
C GLU A 401 3.06 -26.14 -0.28
N TYR A 402 3.46 -26.42 -1.52
CA TYR A 402 4.28 -25.48 -2.29
C TYR A 402 3.45 -24.79 -3.36
N ASP A 403 4.02 -23.73 -3.93
CA ASP A 403 3.35 -22.90 -4.94
C ASP A 403 2.99 -23.70 -6.19
N HIS A 404 3.98 -24.42 -6.71
CA HIS A 404 3.80 -25.31 -7.85
C HIS A 404 4.94 -26.33 -7.89
N GLU A 405 4.72 -27.48 -7.24
CA GLU A 405 5.68 -28.60 -7.20
C GLU A 405 6.75 -28.39 -6.12
N SER A 406 7.18 -29.51 -5.52
CA SER A 406 8.06 -29.50 -4.34
C SER A 406 9.39 -28.78 -4.56
N VAL A 407 9.96 -28.31 -3.45
CA VAL A 407 11.27 -27.67 -3.44
C VAL A 407 12.01 -28.17 -2.21
N ASP A 408 13.30 -28.47 -2.36
CA ASP A 408 14.08 -28.92 -1.21
C ASP A 408 14.69 -27.71 -0.49
N LEU A 409 14.40 -27.62 0.81
CA LEU A 409 14.84 -26.49 1.63
C LEU A 409 15.81 -26.91 2.74
N SER A 410 16.19 -28.19 2.78
CA SER A 410 17.06 -28.73 3.83
C SER A 410 18.45 -28.08 3.89
N GLU A 411 18.84 -27.41 2.81
CA GLU A 411 20.06 -26.62 2.78
C GLU A 411 19.78 -25.15 3.11
N TRP A 412 18.81 -24.56 2.39
CA TRP A 412 18.35 -23.18 2.61
C TRP A 412 18.11 -22.84 4.08
N VAL A 413 17.62 -23.83 4.82
CA VAL A 413 17.25 -23.67 6.20
C VAL A 413 18.44 -23.56 7.18
N LYS A 414 19.62 -24.01 6.76
CA LYS A 414 20.77 -24.15 7.67
C LYS A 414 21.28 -22.83 8.24
N ASP A 415 21.17 -21.75 7.47
CA ASP A 415 21.52 -20.43 7.97
C ASP A 415 20.31 -19.69 8.58
N LYS A 416 19.32 -20.44 9.03
CA LYS A 416 18.03 -19.87 9.48
C LYS A 416 17.43 -20.54 10.71
N LEU A 417 17.64 -21.85 10.87
CA LEU A 417 17.17 -22.56 12.04
C LEU A 417 18.35 -23.13 12.82
N ALA A 418 18.14 -23.35 14.11
CA ALA A 418 19.07 -24.12 14.91
C ALA A 418 19.04 -25.55 14.35
N ARG A 419 20.14 -26.28 14.55
CA ARG A 419 20.26 -27.63 14.03
C ARG A 419 19.10 -28.51 14.53
N PHE A 420 18.73 -28.33 15.80
CA PHE A 420 17.66 -29.14 16.40
C PHE A 420 16.24 -28.79 15.92
N GLN A 421 16.10 -27.64 15.25
CA GLN A 421 14.80 -27.22 14.71
C GLN A 421 14.59 -27.69 13.27
N GLN A 422 15.67 -28.11 12.62
CA GLN A 422 15.60 -28.50 11.22
C GLN A 422 14.84 -29.82 11.05
N PRO A 423 13.92 -29.86 10.08
CA PRO A 423 13.11 -31.07 9.93
C PRO A 423 13.92 -32.35 9.61
N VAL A 424 13.62 -33.43 10.33
CA VAL A 424 14.17 -34.74 10.03
C VAL A 424 13.75 -35.20 8.63
N ARG A 425 12.44 -35.15 8.35
CA ARG A 425 11.88 -35.44 7.03
C ARG A 425 11.05 -34.25 6.48
N TRP A 426 10.99 -34.12 5.16
CA TRP A 426 10.19 -33.10 4.48
C TRP A 426 9.04 -33.75 3.71
N LEU A 427 7.81 -33.56 4.17
CA LEU A 427 6.64 -34.24 3.59
C LEU A 427 5.71 -33.25 2.87
N THR A 428 4.59 -33.79 2.36
CA THR A 428 3.56 -33.00 1.69
C THR A 428 2.22 -33.18 2.38
N LEU A 429 1.48 -32.08 2.54
CA LEU A 429 0.15 -32.11 3.17
C LEU A 429 -0.80 -32.98 2.35
N PRO A 430 -1.45 -33.96 3.00
CA PRO A 430 -2.44 -34.79 2.28
C PRO A 430 -3.72 -34.01 1.94
N PRO A 431 -4.37 -34.34 0.81
CA PRO A 431 -5.63 -33.69 0.42
C PRO A 431 -6.72 -33.66 1.51
N LYS A 439 -9.53 -24.55 9.37
CA LYS A 439 -8.39 -24.68 10.28
C LYS A 439 -7.98 -26.15 10.44
N ILE A 440 -6.74 -26.47 10.11
CA ILE A 440 -6.25 -27.84 10.15
C ILE A 440 -5.87 -28.23 11.58
N SER A 441 -6.50 -29.29 12.07
CA SER A 441 -6.23 -29.82 13.41
C SER A 441 -4.80 -30.35 13.51
N ARG A 442 -4.06 -29.86 14.50
CA ARG A 442 -2.69 -30.32 14.72
C ARG A 442 -2.60 -31.71 15.35
N GLN A 443 -3.70 -32.21 15.92
CA GLN A 443 -3.71 -33.58 16.43
C GLN A 443 -3.80 -34.57 15.29
N ALA A 444 -4.77 -34.35 14.39
CA ALA A 444 -4.89 -35.14 13.17
C ALA A 444 -3.59 -35.12 12.40
N LEU A 445 -2.87 -34.01 12.47
CA LEU A 445 -1.61 -33.84 11.76
C LEU A 445 -0.49 -34.67 12.38
N LYS A 446 -0.48 -34.79 13.71
CA LYS A 446 0.49 -35.65 14.41
C LYS A 446 0.23 -37.14 14.10
N GLU A 447 -1.04 -37.53 14.05
CA GLU A 447 -1.43 -38.91 13.79
C GLU A 447 -1.07 -39.34 12.36
N TRP A 448 -1.24 -38.43 11.40
CA TRP A 448 -0.93 -38.74 10.00
C TRP A 448 0.57 -38.96 9.78
N VAL A 449 1.39 -38.14 10.44
CA VAL A 449 2.85 -38.23 10.30
C VAL A 449 3.42 -39.52 10.92
N GLN A 450 2.90 -39.92 12.08
CA GLN A 450 3.34 -41.15 12.76
C GLN A 450 3.15 -42.39 11.88
N ARG A 451 2.08 -42.40 11.10
CA ARG A 451 1.72 -43.52 10.22
C ARG A 451 2.47 -43.56 8.87
N GLN A 452 3.41 -42.65 8.65
CA GLN A 452 4.19 -42.63 7.41
C GLN A 452 5.56 -43.30 7.61
N HIS B 2 28.18 -2.30 -12.92
CA HIS B 2 27.47 -3.48 -12.34
C HIS B 2 26.53 -4.15 -13.38
N MET B 3 25.27 -3.72 -13.44
CA MET B 3 24.33 -4.29 -14.42
C MET B 3 24.67 -3.82 -15.83
N ILE B 4 24.67 -4.77 -16.77
CA ILE B 4 25.06 -4.49 -18.14
C ILE B 4 23.99 -5.06 -19.08
N PHE B 5 23.47 -4.19 -19.93
CA PHE B 5 22.44 -4.58 -20.87
C PHE B 5 23.03 -4.92 -22.20
N SER B 6 22.71 -6.11 -22.69
CA SER B 6 23.08 -6.55 -24.02
C SER B 6 21.90 -6.39 -24.99
N ASP B 7 20.77 -5.87 -24.51
CA ASP B 7 19.61 -5.55 -25.36
C ASP B 7 18.87 -4.35 -24.75
N TRP B 8 17.84 -3.87 -25.44
CA TRP B 8 16.95 -2.84 -24.92
C TRP B 8 16.46 -3.32 -23.58
N PRO B 9 16.63 -2.50 -22.54
CA PRO B 9 16.33 -3.00 -21.19
C PRO B 9 15.01 -3.75 -21.05
N TRP B 10 13.95 -3.26 -21.71
CA TRP B 10 12.63 -3.88 -21.59
C TRP B 10 12.57 -5.24 -22.24
N ARG B 11 13.35 -5.42 -23.32
CA ARG B 11 13.52 -6.73 -23.93
C ARG B 11 14.36 -7.66 -23.07
N HIS B 12 15.38 -7.12 -22.42
CA HIS B 12 16.22 -7.91 -21.53
C HIS B 12 15.37 -8.54 -20.43
N TRP B 13 14.63 -7.71 -19.71
CA TRP B 13 13.73 -8.20 -18.66
C TRP B 13 12.64 -9.12 -19.19
N ARG B 14 12.24 -8.98 -20.46
CA ARG B 14 11.30 -9.92 -21.07
C ARG B 14 11.91 -11.32 -21.13
N GLN B 15 13.21 -11.39 -21.41
CA GLN B 15 13.88 -12.67 -21.51
C GLN B 15 14.07 -13.30 -20.14
N VAL B 16 14.45 -12.47 -19.15
CA VAL B 16 14.77 -12.93 -17.81
C VAL B 16 13.54 -13.24 -16.97
N ARG B 17 12.58 -12.32 -16.96
CA ARG B 17 11.41 -12.40 -16.08
C ARG B 17 10.15 -11.95 -16.80
N GLY B 18 10.00 -12.41 -18.04
CA GLY B 18 8.95 -11.95 -18.93
C GLY B 18 7.55 -11.99 -18.39
N GLU B 19 7.30 -12.88 -17.44
CA GLU B 19 5.98 -13.06 -16.84
C GLU B 19 5.70 -12.19 -15.60
N THR B 20 6.73 -11.65 -14.95
CA THR B 20 6.50 -10.78 -13.80
C THR B 20 5.92 -9.43 -14.23
N ILE B 21 5.19 -8.79 -13.32
CA ILE B 21 4.54 -7.52 -13.64
C ILE B 21 5.60 -6.44 -13.77
N ALA B 22 5.47 -5.64 -14.83
CA ALA B 22 6.46 -4.63 -15.17
C ALA B 22 5.96 -3.21 -14.93
N LEU B 23 4.69 -2.96 -15.23
CA LEU B 23 4.19 -1.63 -15.35
C LEU B 23 2.71 -1.60 -15.03
N ARG B 24 2.31 -0.65 -14.19
CA ARG B 24 0.90 -0.37 -13.95
C ARG B 24 0.53 0.90 -14.70
N LEU B 25 -0.41 0.77 -15.62
CA LEU B 25 -1.03 1.92 -16.27
C LEU B 25 -2.44 2.02 -15.73
N ASN B 26 -2.59 2.87 -14.72
CA ASN B 26 -3.83 3.03 -13.96
C ASN B 26 -4.19 1.71 -13.26
N ASP B 27 -5.21 1.00 -13.73
CA ASP B 27 -5.61 -0.27 -13.15
C ASP B 27 -5.14 -1.47 -13.97
N GLU B 28 -4.55 -1.18 -15.13
CA GLU B 28 -4.02 -2.20 -16.02
C GLU B 28 -2.62 -2.60 -15.52
N GLN B 29 -2.36 -3.89 -15.40
CA GLN B 29 -1.03 -4.41 -15.12
C GLN B 29 -0.47 -5.15 -16.34
N LEU B 30 0.64 -4.66 -16.88
CA LEU B 30 1.34 -5.35 -17.96
C LEU B 30 2.57 -6.06 -17.43
N ASN B 31 2.81 -7.27 -17.92
CA ASN B 31 4.10 -7.91 -17.72
C ASN B 31 5.07 -7.46 -18.84
N TRP B 32 6.32 -7.88 -18.74
CA TRP B 32 7.34 -7.43 -19.70
C TRP B 32 7.06 -7.85 -21.16
N ARG B 33 6.42 -9.01 -21.39
CA ARG B 33 6.07 -9.45 -22.74
CA ARG B 33 6.10 -9.42 -22.77
C ARG B 33 4.99 -8.56 -23.33
N GLU B 34 3.99 -8.26 -22.50
CA GLU B 34 2.92 -7.36 -22.89
C GLU B 34 3.49 -5.96 -23.16
N LEU B 35 4.38 -5.49 -22.30
CA LEU B 35 5.01 -4.18 -22.51
C LEU B 35 5.75 -4.12 -23.82
N CYS B 36 6.58 -5.13 -24.08
CA CYS B 36 7.40 -5.14 -25.30
C CYS B 36 6.51 -5.18 -26.54
N ALA B 37 5.42 -5.97 -26.48
CA ALA B 37 4.44 -6.06 -27.57
C ALA B 37 3.83 -4.70 -27.88
N ARG B 38 3.47 -3.98 -26.82
CA ARG B 38 2.89 -2.64 -26.94
C ARG B 38 3.90 -1.62 -27.47
N VAL B 39 5.15 -1.72 -27.03
CA VAL B 39 6.20 -0.85 -27.55
C VAL B 39 6.46 -1.17 -29.03
N ASP B 40 6.48 -2.47 -29.34
CA ASP B 40 6.71 -2.93 -30.72
C ASP B 40 5.72 -2.35 -31.73
N GLU B 41 4.43 -2.41 -31.41
CA GLU B 41 3.41 -1.86 -32.30
C GLU B 41 3.55 -0.34 -32.47
N LEU B 42 3.81 0.38 -31.38
CA LEU B 42 4.06 1.83 -31.48
C LEU B 42 5.31 2.18 -32.30
N ALA B 43 6.42 1.49 -31.98
CA ALA B 43 7.71 1.74 -32.62
C ALA B 43 7.64 1.48 -34.11
N SER B 44 6.98 0.39 -34.47
CA SER B 44 6.73 0.06 -35.86
C SER B 44 5.86 1.15 -36.51
N GLY B 45 4.87 1.66 -35.78
CA GLY B 45 4.06 2.78 -36.23
C GLY B 45 4.83 4.06 -36.51
N PHE B 46 5.83 4.36 -35.67
CA PHE B 46 6.63 5.57 -35.85
C PHE B 46 7.58 5.41 -37.05
N ALA B 47 8.13 4.20 -37.22
CA ALA B 47 9.02 3.94 -38.33
C ALA B 47 8.29 4.12 -39.66
N VAL B 48 7.06 3.63 -39.72
CA VAL B 48 6.21 3.76 -40.91
C VAL B 48 5.93 5.24 -41.26
N GLN B 49 5.85 6.10 -40.25
CA GLN B 49 5.69 7.55 -40.46
C GLN B 49 6.99 8.29 -40.83
N GLY B 50 8.11 7.58 -40.89
CA GLY B 50 9.36 8.13 -41.38
C GLY B 50 10.38 8.52 -40.32
N VAL B 51 10.16 8.07 -39.08
CA VAL B 51 11.17 8.20 -38.04
C VAL B 51 12.26 7.18 -38.28
N VAL B 52 13.51 7.66 -38.35
CA VAL B 52 14.68 6.78 -38.50
C VAL B 52 15.67 7.08 -37.36
N GLU B 53 16.71 6.25 -37.26
CA GLU B 53 17.74 6.43 -36.24
C GLU B 53 18.28 7.86 -36.26
N GLY B 54 18.29 8.51 -35.10
CA GLY B 54 18.80 9.88 -34.97
C GLY B 54 17.83 11.01 -35.30
N SER B 55 16.62 10.66 -35.73
CA SER B 55 15.57 11.65 -35.96
C SER B 55 15.29 12.41 -34.65
N GLY B 56 15.31 13.74 -34.73
CA GLY B 56 14.93 14.59 -33.61
C GLY B 56 13.43 14.64 -33.47
N VAL B 57 12.90 14.31 -32.31
CA VAL B 57 11.45 14.28 -32.10
C VAL B 57 11.09 15.05 -30.84
N MET B 58 10.23 16.07 -30.97
CA MET B 58 9.67 16.76 -29.82
C MET B 58 8.47 16.00 -29.32
N LEU B 59 8.48 15.65 -28.04
CA LEU B 59 7.35 14.98 -27.41
C LEU B 59 6.74 15.98 -26.42
N ARG B 60 5.73 16.71 -26.89
CA ARG B 60 5.12 17.76 -26.07
C ARG B 60 3.94 17.15 -25.34
N ALA B 61 4.12 16.88 -24.06
CA ALA B 61 3.19 16.02 -23.34
C ALA B 61 3.33 16.01 -21.81
N TRP B 62 2.22 15.76 -21.13
CA TRP B 62 2.21 15.41 -19.70
C TRP B 62 2.43 13.92 -19.55
N ASN B 63 2.79 13.51 -18.33
CA ASN B 63 2.84 12.11 -17.95
C ASN B 63 1.48 11.46 -18.05
N THR B 64 1.37 10.53 -19.00
CA THR B 64 0.21 9.65 -19.13
C THR B 64 0.76 8.30 -19.55
N PRO B 65 -0.03 7.23 -19.42
CA PRO B 65 0.35 5.92 -19.95
C PRO B 65 0.82 5.98 -21.40
N GLN B 66 0.10 6.73 -22.22
CA GLN B 66 0.44 6.88 -23.62
C GLN B 66 1.82 7.55 -23.81
N THR B 67 2.13 8.56 -23.01
CA THR B 67 3.41 9.26 -23.08
C THR B 67 4.57 8.35 -22.73
N LEU B 68 4.39 7.50 -21.71
CA LEU B 68 5.45 6.56 -21.37
C LEU B 68 5.73 5.58 -22.52
N LEU B 69 4.68 4.99 -23.07
CA LEU B 69 4.85 4.03 -24.15
C LEU B 69 5.48 4.67 -25.38
N ALA B 70 5.10 5.92 -25.65
CA ALA B 70 5.67 6.68 -26.76
C ALA B 70 7.17 6.95 -26.53
N TRP B 71 7.57 7.17 -25.28
CA TRP B 71 8.99 7.34 -24.98
C TRP B 71 9.74 6.08 -25.34
N LEU B 72 9.22 4.94 -24.89
CA LEU B 72 9.90 3.68 -25.09
C LEU B 72 10.00 3.36 -26.58
N ALA B 73 8.92 3.60 -27.33
CA ALA B 73 8.88 3.30 -28.75
C ALA B 73 9.84 4.20 -29.54
N LEU B 74 9.81 5.50 -29.26
CA LEU B 74 10.72 6.44 -29.89
C LEU B 74 12.19 6.09 -29.60
N LEU B 75 12.49 5.76 -28.36
CA LEU B 75 13.84 5.33 -27.98
C LEU B 75 14.25 4.05 -28.72
N GLN B 76 13.31 3.10 -28.83
CA GLN B 76 13.56 1.85 -29.56
C GLN B 76 13.76 2.06 -31.08
N CYS B 77 13.24 3.16 -31.62
CA CYS B 77 13.56 3.57 -32.99
C CYS B 77 14.94 4.22 -33.14
N GLY B 78 15.57 4.55 -32.01
CA GLY B 78 16.84 5.23 -32.02
C GLY B 78 16.66 6.72 -32.23
N ALA B 79 15.52 7.25 -31.81
CA ALA B 79 15.24 8.67 -31.95
C ALA B 79 15.89 9.51 -30.85
N ARG B 80 16.04 10.79 -31.16
CA ARG B 80 16.59 11.75 -30.23
C ARG B 80 15.39 12.50 -29.68
N VAL B 81 15.00 12.17 -28.45
CA VAL B 81 13.75 12.67 -27.88
C VAL B 81 13.93 13.96 -27.07
N LEU B 82 13.25 15.01 -27.51
CA LEU B 82 13.13 16.25 -26.74
C LEU B 82 11.76 16.34 -26.05
N PRO B 83 11.65 15.91 -24.78
CA PRO B 83 10.38 16.09 -24.07
C PRO B 83 10.14 17.54 -23.72
N VAL B 84 8.92 18.02 -23.92
CA VAL B 84 8.62 19.42 -23.72
C VAL B 84 7.40 19.57 -22.83
N ASN B 85 7.62 20.29 -21.74
CA ASN B 85 6.55 20.79 -20.87
C ASN B 85 5.47 21.53 -21.67
N PRO B 86 4.21 21.04 -21.65
CA PRO B 86 3.15 21.68 -22.45
C PRO B 86 2.83 23.13 -22.06
N GLN B 87 3.21 23.53 -20.85
CA GLN B 87 3.06 24.90 -20.40
C GLN B 87 4.09 25.85 -21.02
N LEU B 88 5.16 25.35 -21.61
CA LEU B 88 6.13 26.26 -22.20
C LEU B 88 5.38 26.98 -23.32
N PRO B 89 5.44 28.31 -23.35
CA PRO B 89 4.65 29.07 -24.30
C PRO B 89 5.16 28.98 -25.73
N GLN B 90 4.25 29.14 -26.68
CA GLN B 90 4.54 29.01 -28.10
C GLN B 90 5.73 29.87 -28.57
N PRO B 91 5.76 31.16 -28.21
CA PRO B 91 6.82 32.01 -28.78
C PRO B 91 8.21 31.59 -28.32
N LEU B 92 8.33 31.14 -27.08
CA LEU B 92 9.60 30.65 -26.56
C LEU B 92 10.08 29.44 -27.36
N LEU B 93 9.17 28.51 -27.65
CA LEU B 93 9.53 27.34 -28.45
C LEU B 93 9.96 27.69 -29.88
N GLU B 94 9.34 28.69 -30.48
CA GLU B 94 9.70 29.11 -31.83
C GLU B 94 11.11 29.69 -31.90
N GLU B 95 11.60 30.24 -30.79
CA GLU B 95 13.01 30.63 -30.68
C GLU B 95 13.92 29.40 -30.58
N LEU B 96 13.55 28.46 -29.73
CA LEU B 96 14.42 27.30 -29.43
C LEU B 96 14.48 26.29 -30.55
N LEU B 97 13.31 25.87 -31.03
CA LEU B 97 13.19 24.71 -31.92
C LEU B 97 14.14 24.65 -33.11
N PRO B 98 14.26 25.72 -33.90
CA PRO B 98 15.17 25.70 -35.06
C PRO B 98 16.61 25.23 -34.76
N ASN B 99 17.16 25.65 -33.64
CA ASN B 99 18.51 25.24 -33.24
C ASN B 99 18.65 23.79 -32.76
N LEU B 100 17.54 23.07 -32.60
CA LEU B 100 17.55 21.74 -32.01
C LEU B 100 17.43 20.58 -33.02
N THR B 101 17.51 20.88 -34.31
CA THR B 101 17.55 19.85 -35.37
C THR B 101 16.48 18.75 -35.20
N LEU B 102 15.22 19.16 -35.17
CA LEU B 102 14.12 18.22 -35.04
C LEU B 102 13.49 18.00 -36.40
N GLN B 103 12.87 16.84 -36.57
CA GLN B 103 12.06 16.56 -37.76
C GLN B 103 10.58 16.40 -37.44
N PHE B 104 10.27 16.05 -36.18
CA PHE B 104 8.94 15.62 -35.78
C PHE B 104 8.43 16.30 -34.51
N ALA B 105 7.11 16.46 -34.46
CA ALA B 105 6.40 16.88 -33.25
C ALA B 105 5.32 15.84 -32.94
N LEU B 106 5.34 15.33 -31.71
CA LEU B 106 4.33 14.39 -31.24
C LEU B 106 3.65 15.04 -30.05
N VAL B 107 2.36 15.29 -30.19
CA VAL B 107 1.57 15.97 -29.17
C VAL B 107 0.33 15.12 -28.92
N PRO B 108 0.47 14.03 -28.15
CA PRO B 108 -0.57 13.00 -28.15
C PRO B 108 -1.98 13.43 -27.75
N ASP B 109 -2.10 14.42 -26.86
CA ASP B 109 -3.41 14.88 -26.43
C ASP B 109 -3.71 16.30 -26.89
N GLY B 110 -3.16 16.66 -28.05
CA GLY B 110 -3.29 18.00 -28.60
C GLY B 110 -2.97 18.00 -30.08
N GLU B 111 -2.48 19.13 -30.57
CA GLU B 111 -2.16 19.27 -31.98
C GLU B 111 -0.78 19.90 -32.14
N ASN B 112 -0.10 19.50 -33.21
CA ASN B 112 1.16 20.13 -33.59
C ASN B 112 0.96 21.58 -34.08
N THR B 113 1.67 22.51 -33.47
CA THR B 113 1.54 23.93 -33.81
C THR B 113 2.86 24.51 -34.33
N PHE B 114 3.65 23.66 -34.97
CA PHE B 114 4.96 24.04 -35.50
C PHE B 114 5.05 23.48 -36.93
N PRO B 115 4.81 24.33 -37.93
CA PRO B 115 4.75 23.85 -39.33
C PRO B 115 6.10 23.38 -39.91
N ALA B 116 7.22 23.77 -39.28
CA ALA B 116 8.53 23.26 -39.70
C ALA B 116 8.75 21.78 -39.31
N LEU B 117 7.86 21.22 -38.47
CA LEU B 117 7.97 19.86 -38.01
C LEU B 117 6.85 18.99 -38.55
N THR B 118 7.21 17.81 -39.06
CA THR B 118 6.23 16.81 -39.49
C THR B 118 5.40 16.32 -38.28
N SER B 119 4.08 16.46 -38.36
CA SER B 119 3.19 15.98 -37.31
C SER B 119 3.29 14.45 -37.18
N LEU B 120 3.59 13.99 -35.97
CA LEU B 120 3.73 12.57 -35.70
C LEU B 120 2.53 12.09 -34.89
N HIS B 121 1.98 10.93 -35.25
CA HIS B 121 0.81 10.37 -34.56
C HIS B 121 1.09 9.04 -33.89
N ILE B 122 0.25 8.74 -32.91
CA ILE B 122 0.22 7.45 -32.25
C ILE B 122 -0.48 6.47 -33.19
N GLN B 123 0.31 5.60 -33.83
CA GLN B 123 -0.23 4.55 -34.69
C GLN B 123 0.34 3.19 -34.34
N LEU B 124 -0.54 2.19 -34.30
CA LEU B 124 -0.17 0.83 -33.97
C LEU B 124 -0.04 0.00 -35.26
N VAL B 125 1.13 -0.59 -35.47
CA VAL B 125 1.44 -1.33 -36.68
C VAL B 125 2.18 -2.62 -36.30
N GLU B 126 1.84 -3.73 -36.94
CA GLU B 126 2.65 -4.96 -36.83
C GLU B 126 3.96 -4.74 -37.58
N GLY B 127 5.13 -5.08 -37.03
CA GLY B 127 5.33 -5.89 -35.85
C GLY B 127 6.40 -5.34 -34.91
N ALA B 128 7.68 -5.56 -35.18
CA ALA B 128 8.71 -5.49 -34.09
C ALA B 128 9.91 -4.57 -34.30
N HIS B 129 9.67 -3.45 -34.96
CA HIS B 129 10.76 -2.57 -35.34
C HIS B 129 11.62 -2.10 -34.17
N ALA B 130 12.93 -2.28 -34.32
CA ALA B 130 13.90 -1.78 -33.35
C ALA B 130 15.25 -1.48 -34.00
N ALA B 131 15.81 -0.33 -33.63
CA ALA B 131 17.20 -0.04 -33.91
C ALA B 131 18.05 -0.97 -33.08
N THR B 132 19.31 -1.04 -33.43
CA THR B 132 20.24 -1.88 -32.72
C THR B 132 20.54 -1.24 -31.34
N TRP B 133 20.55 -2.05 -30.29
CA TRP B 133 20.79 -1.57 -28.93
C TRP B 133 22.23 -1.06 -28.78
N GLN B 134 22.37 0.23 -28.47
CA GLN B 134 23.68 0.83 -28.25
C GLN B 134 23.60 1.73 -27.01
N PRO B 135 24.28 1.36 -25.92
CA PRO B 135 24.21 2.19 -24.73
C PRO B 135 24.68 3.61 -24.98
N THR B 136 25.65 3.79 -25.86
CA THR B 136 26.23 5.11 -26.09
C THR B 136 25.48 5.93 -27.15
N ARG B 137 24.39 5.40 -27.69
CA ARG B 137 23.51 6.20 -28.56
C ARG B 137 22.91 7.40 -27.82
N LEU B 138 22.77 8.51 -28.54
CA LEU B 138 22.11 9.69 -27.99
C LEU B 138 20.63 9.35 -27.78
N CYS B 139 20.14 9.71 -26.61
CA CYS B 139 18.85 9.25 -26.13
C CYS B 139 17.90 10.43 -25.94
N SER B 140 18.31 11.41 -25.13
CA SER B 140 17.40 12.47 -24.72
C SER B 140 18.01 13.84 -24.82
N MET B 141 17.17 14.85 -25.04
CA MET B 141 17.55 16.26 -24.91
C MET B 141 16.60 16.89 -23.89
N THR B 142 17.11 17.29 -22.74
CA THR B 142 16.25 17.84 -21.70
C THR B 142 16.54 19.33 -21.53
N LEU B 143 15.49 20.13 -21.50
CA LEU B 143 15.62 21.57 -21.35
C LEU B 143 15.98 21.97 -19.92
N THR B 144 16.95 22.86 -19.79
CA THR B 144 17.29 23.46 -18.50
C THR B 144 16.24 24.47 -18.12
N SER B 145 16.08 24.68 -16.81
CA SER B 145 15.19 25.71 -16.28
C SER B 145 15.96 26.59 -15.29
N GLY B 146 15.68 27.89 -15.32
CA GLY B 146 16.44 28.89 -14.56
C GLY B 146 16.86 30.06 -15.43
N GLY B 149 18.83 33.31 -19.15
CA GLY B 149 18.79 33.21 -20.61
C GLY B 149 17.82 32.17 -21.13
N LEU B 150 17.89 31.91 -22.43
CA LEU B 150 17.06 30.87 -23.07
C LEU B 150 17.43 29.47 -22.55
N PRO B 151 16.45 28.57 -22.45
CA PRO B 151 16.75 27.19 -22.07
C PRO B 151 17.72 26.52 -23.03
N LYS B 152 18.59 25.69 -22.48
CA LYS B 152 19.50 24.87 -23.27
C LYS B 152 19.03 23.43 -23.20
N ALA B 153 19.50 22.64 -24.16
CA ALA B 153 19.11 21.26 -24.31
C ALA B 153 20.31 20.35 -24.05
N ALA B 154 20.42 19.88 -22.81
CA ALA B 154 21.44 18.93 -22.43
C ALA B 154 21.11 17.57 -23.01
N VAL B 155 22.10 16.94 -23.63
CA VAL B 155 21.92 15.69 -24.35
C VAL B 155 22.59 14.55 -23.57
N HIS B 156 21.82 13.49 -23.32
CA HIS B 156 22.35 12.31 -22.63
C HIS B 156 22.30 11.06 -23.49
N THR B 157 23.28 10.19 -23.27
CA THR B 157 23.24 8.83 -23.78
C THR B 157 22.43 7.97 -22.82
N TYR B 158 22.04 6.78 -23.27
CA TYR B 158 21.36 5.82 -22.41
C TYR B 158 22.28 5.43 -21.24
N GLN B 159 23.55 5.22 -21.54
CA GLN B 159 24.56 4.88 -20.54
C GLN B 159 24.70 5.92 -19.42
N ALA B 160 24.55 7.19 -19.77
CA ALA B 160 24.52 8.25 -18.76
C ALA B 160 23.32 8.10 -17.81
N HIS B 161 22.14 7.85 -18.37
CA HIS B 161 20.94 7.64 -17.55
C HIS B 161 21.06 6.40 -16.67
N LEU B 162 21.58 5.32 -17.24
CA LEU B 162 21.75 4.07 -16.50
C LEU B 162 22.80 4.19 -15.39
N ALA B 163 23.82 5.00 -15.61
CA ALA B 163 24.82 5.23 -14.56
C ALA B 163 24.25 6.10 -13.45
N SER B 164 23.37 7.05 -13.82
CA SER B 164 22.69 7.84 -12.81
C SER B 164 21.85 6.92 -11.93
N ALA B 165 21.07 6.05 -12.57
CA ALA B 165 20.22 5.09 -11.85
C ALA B 165 21.05 4.14 -11.00
N GLN B 166 22.13 3.62 -11.56
CA GLN B 166 22.99 2.69 -10.84
C GLN B 166 23.43 3.32 -9.52
N GLY B 167 23.92 4.56 -9.60
CA GLY B 167 24.42 5.25 -8.43
C GLY B 167 23.35 5.44 -7.36
N VAL B 168 22.15 5.82 -7.76
CA VAL B 168 21.08 6.03 -6.79
C VAL B 168 20.67 4.72 -6.13
N LEU B 169 20.62 3.66 -6.92
CA LEU B 169 20.16 2.37 -6.43
C LEU B 169 21.16 1.65 -5.56
N SER B 170 22.40 2.14 -5.52
CA SER B 170 23.37 1.62 -4.58
C SER B 170 23.10 2.17 -3.17
N LEU B 171 22.30 3.24 -3.08
CA LEU B 171 21.90 3.85 -1.82
C LEU B 171 20.50 3.40 -1.38
N ILE B 172 19.53 3.58 -2.28
CA ILE B 172 18.12 3.29 -2.00
C ILE B 172 17.79 1.85 -2.40
N PRO B 173 17.32 1.02 -1.44
CA PRO B 173 16.89 -0.32 -1.82
C PRO B 173 15.62 -0.31 -2.69
N PHE B 174 15.65 -1.07 -3.79
CA PHE B 174 14.55 -1.11 -4.76
C PHE B 174 14.62 -2.45 -5.48
N GLY B 175 13.84 -3.42 -5.03
CA GLY B 175 13.93 -4.77 -5.59
C GLY B 175 12.61 -5.49 -5.70
N ASP B 176 12.51 -6.60 -4.99
CA ASP B 176 11.36 -7.51 -5.05
C ASP B 176 10.30 -7.13 -4.00
N HIS B 177 9.05 -6.90 -4.38
CA HIS B 177 8.63 -6.51 -5.73
C HIS B 177 8.12 -5.08 -5.53
N ASP B 178 9.05 -4.15 -5.58
CA ASP B 178 8.75 -2.76 -5.28
C ASP B 178 8.13 -2.09 -6.50
N ASP B 179 7.62 -0.89 -6.30
CA ASP B 179 6.89 -0.19 -7.35
C ASP B 179 7.05 1.29 -7.12
N TRP B 180 7.66 1.95 -8.11
CA TRP B 180 7.99 3.36 -8.03
C TRP B 180 6.94 4.12 -8.81
N LEU B 181 6.32 5.11 -8.17
CA LEU B 181 5.37 5.96 -8.89
C LEU B 181 6.14 6.94 -9.76
N LEU B 182 5.66 7.12 -10.98
CA LEU B 182 6.15 8.18 -11.83
C LEU B 182 5.49 9.43 -11.29
N SER B 183 6.15 10.06 -10.33
CA SER B 183 5.58 11.17 -9.58
C SER B 183 6.00 12.54 -10.06
N LEU B 184 6.95 12.61 -10.99
CA LEU B 184 7.42 13.88 -11.56
C LEU B 184 7.55 13.76 -13.06
N PRO B 185 7.59 14.91 -13.76
CA PRO B 185 7.49 14.87 -15.22
C PRO B 185 8.70 14.31 -15.97
N LEU B 186 8.40 13.53 -17.01
CA LEU B 186 9.41 13.03 -17.94
C LEU B 186 10.12 14.11 -18.74
N PHE B 187 9.55 15.32 -18.83
CA PHE B 187 10.26 16.46 -19.43
C PHE B 187 11.29 17.08 -18.48
N HIS B 188 11.37 16.55 -17.26
CA HIS B 188 12.44 16.85 -16.31
CA HIS B 188 12.47 16.85 -16.36
C HIS B 188 13.25 15.58 -16.09
N VAL B 189 14.49 15.73 -15.63
CA VAL B 189 15.37 14.59 -15.37
C VAL B 189 14.89 13.75 -14.18
N SER B 190 14.14 14.38 -13.26
CA SER B 190 13.57 13.67 -12.12
C SER B 190 12.60 12.59 -12.57
N GLY B 191 11.76 12.93 -13.54
CA GLY B 191 10.82 11.96 -14.10
C GLY B 191 11.53 10.88 -14.91
N GLN B 192 12.48 11.31 -15.74
CA GLN B 192 13.29 10.37 -16.51
C GLN B 192 14.07 9.44 -15.61
N GLY B 193 14.56 9.94 -14.49
CA GLY B 193 15.31 9.11 -13.55
C GLY B 193 14.51 7.96 -12.96
N ILE B 194 13.22 8.19 -12.73
CA ILE B 194 12.33 7.13 -12.27
C ILE B 194 12.22 6.02 -13.32
N MET B 195 12.08 6.42 -14.58
CA MET B 195 11.97 5.48 -15.69
C MET B 195 13.22 4.63 -15.77
N TRP B 196 14.38 5.27 -15.66
CA TRP B 196 15.64 4.54 -15.78
C TRP B 196 15.98 3.75 -14.52
N LYS B 197 15.50 4.19 -13.35
CA LYS B 197 15.69 3.40 -12.13
C LYS B 197 14.84 2.13 -12.20
N TRP B 198 13.62 2.27 -12.69
CA TRP B 198 12.74 1.16 -13.01
C TRP B 198 13.44 0.18 -13.96
N LEU B 199 13.96 0.68 -15.06
CA LEU B 199 14.53 -0.19 -16.10
C LEU B 199 15.88 -0.78 -15.68
N TYR B 200 16.66 -0.02 -14.91
CA TYR B 200 17.90 -0.55 -14.34
C TYR B 200 17.62 -1.77 -13.44
N ALA B 201 16.69 -1.61 -12.49
CA ALA B 201 16.42 -2.68 -11.51
C ALA B 201 15.53 -3.79 -12.09
N GLY B 202 14.81 -3.49 -13.17
CA GLY B 202 13.81 -4.42 -13.70
C GLY B 202 12.67 -4.65 -12.71
N ALA B 203 12.24 -3.59 -12.04
CA ALA B 203 11.20 -3.68 -11.02
C ALA B 203 9.86 -3.26 -11.63
N ARG B 204 9.05 -2.50 -10.88
CA ARG B 204 7.80 -1.96 -11.40
C ARG B 204 7.82 -0.46 -11.37
N MET B 205 7.04 0.13 -12.26
CA MET B 205 6.70 1.53 -12.22
C MET B 205 5.19 1.64 -12.32
N THR B 206 4.64 2.71 -11.77
CA THR B 206 3.23 3.00 -11.86
C THR B 206 3.05 4.34 -12.55
N VAL B 207 2.25 4.34 -13.60
CA VAL B 207 1.90 5.54 -14.32
C VAL B 207 0.38 5.69 -14.21
N ARG B 208 -0.05 6.57 -13.33
CA ARG B 208 -1.47 6.87 -13.18
C ARG B 208 -1.71 8.29 -13.67
N ASP B 209 -2.87 8.50 -14.29
CA ASP B 209 -3.24 9.84 -14.76
C ASP B 209 -3.38 10.79 -13.57
N LYS B 210 -3.09 12.06 -13.82
CA LYS B 210 -2.97 13.06 -12.77
C LYS B 210 -4.20 13.10 -11.85
N GLN B 211 -3.96 12.93 -10.56
CA GLN B 211 -5.02 12.92 -9.56
C GLN B 211 -4.36 13.16 -8.21
N PRO B 212 -5.15 13.40 -7.15
CA PRO B 212 -4.56 13.55 -5.83
C PRO B 212 -3.44 12.55 -5.55
N LEU B 213 -2.34 13.06 -5.00
CA LEU B 213 -1.12 12.28 -4.84
C LEU B 213 -1.33 11.03 -4.00
N GLU B 214 -2.18 11.12 -2.98
CA GLU B 214 -2.52 9.98 -2.12
C GLU B 214 -2.97 8.79 -2.95
N GLN B 215 -3.80 9.05 -3.96
CA GLN B 215 -4.38 7.98 -4.77
C GLN B 215 -3.45 7.53 -5.89
N MET B 216 -2.64 8.44 -6.42
CA MET B 216 -1.58 8.06 -7.37
C MET B 216 -0.67 7.04 -6.70
N LEU B 217 -0.44 7.22 -5.40
CA LEU B 217 0.49 6.37 -4.67
C LEU B 217 -0.04 5.02 -4.20
N ALA B 218 -1.32 4.74 -4.40
CA ALA B 218 -1.93 3.46 -3.98
C ALA B 218 -1.13 2.25 -4.48
N GLY B 219 -0.53 1.50 -3.55
CA GLY B 219 0.22 0.29 -3.89
C GLY B 219 1.71 0.52 -4.13
N CYS B 220 2.10 1.77 -4.37
CA CYS B 220 3.49 2.09 -4.64
C CYS B 220 4.32 2.07 -3.36
N THR B 221 5.53 1.54 -3.46
CA THR B 221 6.49 1.52 -2.36
C THR B 221 7.50 2.64 -2.44
N HIS B 222 7.64 3.26 -3.61
CA HIS B 222 8.68 4.25 -3.85
C HIS B 222 8.11 5.45 -4.61
N ALA B 223 8.76 6.59 -4.44
CA ALA B 223 8.40 7.81 -5.16
C ALA B 223 9.55 8.80 -5.08
N SER B 224 9.58 9.72 -6.03
CA SER B 224 10.48 10.83 -5.98
C SER B 224 9.62 12.07 -5.87
N LEU B 225 9.92 12.91 -4.87
CA LEU B 225 9.06 14.05 -4.55
C LEU B 225 9.85 15.30 -4.25
N VAL B 226 9.31 16.44 -4.66
CA VAL B 226 9.79 17.72 -4.17
C VAL B 226 9.18 17.92 -2.77
N PRO B 227 9.83 18.74 -1.92
CA PRO B 227 9.40 18.97 -0.53
C PRO B 227 7.92 19.30 -0.37
N THR B 228 7.43 20.22 -1.20
CA THR B 228 6.02 20.54 -1.25
C THR B 228 5.16 19.30 -1.24
N GLN B 229 5.43 18.41 -2.19
CA GLN B 229 4.60 17.21 -2.35
C GLN B 229 4.53 16.40 -1.06
N LEU B 230 5.66 16.26 -0.38
CA LEU B 230 5.72 15.48 0.84
C LEU B 230 5.04 16.17 2.03
N TRP B 231 5.13 17.51 2.10
CA TRP B 231 4.40 18.26 3.14
C TRP B 231 2.92 17.90 3.04
N ARG B 232 2.40 17.98 1.81
CA ARG B 232 1.00 17.67 1.51
C ARG B 232 0.57 16.30 2.04
N LEU B 233 1.42 15.29 1.83
CA LEU B 233 1.13 13.93 2.31
C LEU B 233 1.08 13.82 3.83
N LEU B 234 1.99 14.51 4.51
CA LEU B 234 2.11 14.43 5.95
C LEU B 234 0.98 15.18 6.64
N VAL B 235 0.75 16.41 6.18
CA VAL B 235 -0.29 17.28 6.72
C VAL B 235 -1.64 16.57 6.79
N ASN B 236 -2.06 16.00 5.66
CA ASN B 236 -3.30 15.21 5.60
C ASN B 236 -3.24 13.90 6.38
N ARG B 237 -2.04 13.49 6.78
CA ARG B 237 -1.84 12.21 7.48
C ARG B 237 -2.40 11.09 6.61
N SER B 238 -1.90 11.02 5.37
CA SER B 238 -2.42 10.09 4.37
C SER B 238 -1.84 8.70 4.58
N SER B 239 -2.63 7.68 4.24
CA SER B 239 -2.18 6.29 4.35
C SER B 239 -1.56 5.82 3.04
N VAL B 240 -0.32 5.34 3.14
CA VAL B 240 0.46 4.93 1.99
C VAL B 240 1.26 3.68 2.32
N SER B 241 1.70 2.96 1.29
CA SER B 241 2.53 1.77 1.48
C SER B 241 4.00 2.07 1.15
N LEU B 242 4.42 3.31 1.39
CA LEU B 242 5.76 3.79 1.03
C LEU B 242 6.86 3.22 1.91
N LYS B 243 7.85 2.60 1.29
CA LYS B 243 9.06 2.17 1.97
C LYS B 243 10.16 3.23 1.85
N ALA B 244 10.11 4.04 0.79
CA ALA B 244 11.18 4.99 0.50
C ALA B 244 10.72 6.16 -0.37
N VAL B 245 11.22 7.34 -0.05
CA VAL B 245 10.97 8.54 -0.82
C VAL B 245 12.29 9.26 -1.08
N LEU B 246 12.50 9.66 -2.32
CA LEU B 246 13.69 10.40 -2.71
C LEU B 246 13.30 11.83 -2.96
N LEU B 247 13.90 12.75 -2.22
CA LEU B 247 13.58 14.16 -2.34
C LEU B 247 14.67 14.91 -3.11
N GLY B 248 14.30 16.04 -3.68
CA GLY B 248 15.23 16.84 -4.50
C GLY B 248 14.57 18.05 -5.11
N GLY B 249 15.32 18.77 -5.94
CA GLY B 249 14.83 19.95 -6.63
C GLY B 249 15.01 21.25 -5.86
N ALA B 250 15.08 21.16 -4.54
CA ALA B 250 15.26 22.35 -3.70
C ALA B 250 15.77 21.92 -2.34
N ALA B 251 16.03 22.88 -1.47
CA ALA B 251 16.49 22.60 -0.12
C ALA B 251 15.46 21.76 0.62
N ILE B 252 15.93 20.76 1.34
CA ILE B 252 15.10 19.82 2.05
C ILE B 252 15.31 20.03 3.55
N PRO B 253 14.34 20.69 4.22
CA PRO B 253 14.57 20.98 5.63
C PRO B 253 14.58 19.72 6.51
N VAL B 254 15.39 19.74 7.57
CA VAL B 254 15.46 18.63 8.51
C VAL B 254 14.12 18.29 9.14
N GLU B 255 13.30 19.31 9.42
CA GLU B 255 12.00 19.11 10.05
C GLU B 255 11.07 18.27 9.18
N LEU B 256 11.05 18.54 7.88
CA LEU B 256 10.25 17.78 6.90
C LEU B 256 10.57 16.29 6.94
N THR B 257 11.86 15.95 6.95
CA THR B 257 12.28 14.55 6.94
C THR B 257 12.15 13.89 8.31
N GLU B 258 12.22 14.69 9.37
CA GLU B 258 11.92 14.17 10.71
C GLU B 258 10.42 13.97 10.90
N GLN B 259 9.58 14.88 10.39
CA GLN B 259 8.14 14.66 10.45
C GLN B 259 7.75 13.38 9.70
N ALA B 260 8.37 13.18 8.53
CA ALA B 260 8.09 12.00 7.71
C ALA B 260 8.54 10.70 8.37
N ARG B 261 9.68 10.72 9.04
CA ARG B 261 10.13 9.57 9.84
C ARG B 261 9.10 9.19 10.89
N GLU B 262 8.49 10.21 11.51
CA GLU B 262 7.47 10.03 12.55
C GLU B 262 6.18 9.35 12.05
N GLN B 263 5.96 9.38 10.73
CA GLN B 263 4.87 8.62 10.11
C GLN B 263 5.38 7.40 9.35
N GLY B 264 6.53 6.88 9.75
CA GLY B 264 7.10 5.69 9.12
C GLY B 264 7.39 5.80 7.63
N ILE B 265 7.83 6.98 7.20
CA ILE B 265 8.23 7.18 5.80
C ILE B 265 9.74 7.43 5.73
N ARG B 266 10.47 6.41 5.27
CA ARG B 266 11.93 6.49 5.12
C ARG B 266 12.31 7.44 3.99
N CYS B 267 13.00 8.52 4.33
CA CYS B 267 13.33 9.55 3.36
C CYS B 267 14.80 9.52 2.98
N PHE B 268 15.07 9.89 1.73
CA PHE B 268 16.41 10.04 1.21
C PHE B 268 16.51 11.43 0.61
N CYS B 269 17.64 12.09 0.86
CA CYS B 269 17.83 13.48 0.48
C CYS B 269 18.83 13.59 -0.65
N GLY B 270 18.52 14.41 -1.66
CA GLY B 270 19.30 14.46 -2.88
C GLY B 270 19.58 15.84 -3.44
N TYR B 271 20.74 15.94 -4.09
CA TYR B 271 21.14 17.12 -4.83
C TYR B 271 21.38 16.65 -6.24
N GLY B 272 20.55 17.08 -7.18
CA GLY B 272 20.63 16.60 -8.55
C GLY B 272 20.51 17.74 -9.51
N LEU B 273 20.81 17.49 -10.78
CA LEU B 273 20.56 18.48 -11.81
C LEU B 273 20.38 17.92 -13.21
N THR B 274 19.82 18.77 -14.07
CA THR B 274 19.52 18.41 -15.45
C THR B 274 20.73 17.87 -16.17
N GLU B 275 21.88 18.54 -16.02
CA GLU B 275 23.09 18.20 -16.75
C GLU B 275 23.63 16.82 -16.39
N PHE B 276 23.24 16.30 -15.24
CA PHE B 276 23.72 15.02 -14.79
C PHE B 276 22.63 13.93 -14.71
N ALA B 277 21.53 14.14 -15.44
CA ALA B 277 20.44 13.16 -15.54
C ALA B 277 19.85 12.77 -14.17
N SER B 278 19.79 13.76 -13.28
CA SER B 278 19.20 13.70 -11.94
C SER B 278 20.31 13.64 -10.87
N THR B 279 20.25 12.66 -9.98
CA THR B 279 20.92 12.74 -8.68
C THR B 279 22.45 12.61 -8.70
N VAL B 280 23.11 13.59 -8.09
CA VAL B 280 24.56 13.62 -7.97
C VAL B 280 25.01 13.21 -6.57
N CYS B 281 24.53 13.91 -5.54
CA CYS B 281 24.81 13.58 -4.13
C CYS B 281 23.53 13.19 -3.40
N ALA B 282 23.64 12.17 -2.55
CA ALA B 282 22.52 11.73 -1.73
C ALA B 282 22.95 11.07 -0.44
N LYS B 283 21.96 10.88 0.43
CA LYS B 283 22.11 10.20 1.72
C LYS B 283 20.74 9.77 2.19
N GLU B 284 20.69 8.89 3.19
CA GLU B 284 19.47 8.73 3.97
C GLU B 284 19.37 9.90 4.92
N ALA B 285 18.18 10.49 5.03
CA ALA B 285 17.97 11.63 5.93
C ALA B 285 18.50 11.32 7.31
N ASP B 286 19.22 12.27 7.89
CA ASP B 286 19.90 12.04 9.17
C ASP B 286 19.91 13.25 10.12
N GLY B 287 19.00 14.18 9.94
CA GLY B 287 18.93 15.35 10.81
C GLY B 287 19.94 16.46 10.57
N LEU B 288 20.74 16.38 9.51
CA LEU B 288 21.62 17.50 9.10
C LEU B 288 21.15 18.11 7.78
N ALA B 289 21.48 19.37 7.56
CA ALA B 289 21.03 20.12 6.39
C ALA B 289 21.83 19.85 5.10
N ASP B 290 22.95 19.13 5.19
CA ASP B 290 23.71 18.77 3.99
C ASP B 290 22.90 17.88 3.02
N VAL B 291 23.41 17.70 1.80
CA VAL B 291 22.72 16.90 0.78
C VAL B 291 23.37 15.54 0.60
N GLY B 292 24.11 15.09 1.61
CA GLY B 292 24.81 13.82 1.54
C GLY B 292 26.13 13.89 0.78
N SER B 293 26.60 12.72 0.39
CA SER B 293 27.88 12.56 -0.28
C SER B 293 27.66 12.16 -1.73
N PRO B 294 28.68 12.34 -2.57
CA PRO B 294 28.68 11.82 -3.93
C PRO B 294 28.25 10.38 -3.98
N LEU B 295 27.37 10.05 -4.93
CA LEU B 295 27.02 8.67 -5.15
C LEU B 295 28.17 8.02 -5.92
N PRO B 296 28.21 6.68 -5.98
CA PRO B 296 29.27 6.07 -6.78
C PRO B 296 29.27 6.62 -8.19
N GLY B 297 30.46 6.95 -8.70
CA GLY B 297 30.62 7.43 -10.07
C GLY B 297 30.66 8.94 -10.20
N ARG B 298 30.39 9.64 -9.09
CA ARG B 298 30.32 11.10 -9.09
C ARG B 298 31.51 11.67 -8.34
N GLU B 299 32.09 12.73 -8.87
CA GLU B 299 33.14 13.46 -8.17
C GLU B 299 32.69 14.89 -7.94
N VAL B 300 33.00 15.40 -6.75
CA VAL B 300 32.66 16.76 -6.37
C VAL B 300 33.87 17.44 -5.73
N LYS B 301 34.10 18.69 -6.11
CA LYS B 301 35.08 19.54 -5.44
C LYS B 301 34.68 21.02 -5.55
N ILE B 302 35.04 21.77 -4.52
CA ILE B 302 34.69 23.19 -4.43
C ILE B 302 35.83 24.05 -4.94
N VAL B 303 35.51 25.04 -5.77
CA VAL B 303 36.48 25.99 -6.29
C VAL B 303 35.90 27.40 -6.16
N ASN B 304 36.48 28.22 -5.26
CA ASN B 304 35.91 29.52 -4.90
C ASN B 304 34.44 29.40 -4.51
N ASN B 305 34.17 28.48 -3.58
CA ASN B 305 32.80 28.25 -3.09
C ASN B 305 31.80 27.75 -4.15
N GLU B 306 32.30 27.34 -5.32
CA GLU B 306 31.45 26.90 -6.43
C GLU B 306 31.56 25.40 -6.57
N VAL B 307 30.43 24.73 -6.71
CA VAL B 307 30.40 23.28 -6.86
C VAL B 307 30.74 22.95 -8.31
N TRP B 308 31.75 22.10 -8.47
CA TRP B 308 32.19 21.60 -9.75
C TRP B 308 31.98 20.10 -9.73
N LEU B 309 31.53 19.53 -10.85
CA LEU B 309 31.17 18.11 -10.88
C LEU B 309 31.78 17.35 -12.06
N ARG B 310 32.13 16.09 -11.83
CA ARG B 310 32.37 15.13 -12.91
C ARG B 310 31.55 13.89 -12.65
N ALA B 311 31.03 13.28 -13.71
CA ALA B 311 30.44 11.95 -13.60
C ALA B 311 30.14 11.32 -14.95
N ALA B 312 30.00 10.02 -14.92
CA ALA B 312 29.57 9.24 -16.06
C ALA B 312 28.12 9.57 -16.48
N SER B 313 27.33 10.12 -15.56
CA SER B 313 25.97 10.56 -15.90
C SER B 313 25.92 11.97 -16.54
N MET B 314 27.07 12.57 -16.79
CA MET B 314 27.13 13.91 -17.38
C MET B 314 26.61 13.89 -18.82
N ALA B 315 25.98 14.99 -19.22
CA ALA B 315 25.52 15.13 -20.59
C ALA B 315 26.72 15.22 -21.53
N GLU B 316 26.56 14.72 -22.76
CA GLU B 316 27.60 14.80 -23.78
C GLU B 316 27.88 16.23 -24.18
N GLY B 317 26.84 17.07 -24.08
CA GLY B 317 26.93 18.45 -24.49
C GLY B 317 25.56 19.08 -24.56
N TYR B 318 25.53 20.40 -24.79
CA TYR B 318 24.30 21.10 -25.16
C TYR B 318 24.15 21.07 -26.68
N TRP B 319 22.96 20.79 -27.16
CA TRP B 319 22.73 20.73 -28.61
C TRP B 319 22.53 22.10 -29.23
N ARG B 320 23.33 22.39 -30.25
CA ARG B 320 23.21 23.65 -30.99
C ARG B 320 23.52 23.43 -32.47
N ASN B 321 22.46 23.29 -33.27
CA ASN B 321 22.57 23.23 -34.74
C ASN B 321 23.50 22.14 -35.27
N GLY B 322 23.16 20.90 -34.93
CA GLY B 322 23.87 19.75 -35.42
C GLY B 322 25.18 19.47 -34.73
N GLN B 323 25.49 20.21 -33.67
CA GLN B 323 26.71 19.97 -32.91
C GLN B 323 26.44 19.96 -31.40
N LEU B 324 27.38 19.39 -30.65
CA LEU B 324 27.33 19.34 -29.20
C LEU B 324 28.31 20.35 -28.63
N VAL B 325 27.80 21.31 -27.86
CA VAL B 325 28.66 22.26 -27.15
C VAL B 325 29.02 21.64 -25.80
N SER B 326 30.31 21.60 -25.50
CA SER B 326 30.84 20.94 -24.30
C SER B 326 30.39 21.64 -23.02
N LEU B 327 30.12 20.86 -21.98
CA LEU B 327 29.74 21.42 -20.67
C LEU B 327 30.95 21.74 -19.83
N VAL B 328 32.04 20.99 -20.04
CA VAL B 328 33.17 21.06 -19.14
C VAL B 328 34.07 22.26 -19.40
N ASN B 329 34.60 22.82 -18.32
CA ASN B 329 35.53 23.93 -18.39
C ASN B 329 36.91 23.42 -18.85
N ASP B 330 37.90 24.33 -18.85
CA ASP B 330 39.25 24.00 -19.33
C ASP B 330 40.06 23.09 -18.40
N GLU B 331 39.44 22.61 -17.31
CA GLU B 331 40.05 21.61 -16.44
C GLU B 331 39.25 20.30 -16.43
N GLY B 332 38.25 20.18 -17.30
CA GLY B 332 37.47 18.94 -17.42
C GLY B 332 36.43 18.72 -16.33
N TRP B 333 35.98 19.78 -15.68
CA TRP B 333 34.92 19.72 -14.66
C TRP B 333 33.72 20.51 -15.14
N TYR B 334 32.53 20.14 -14.66
CA TYR B 334 31.33 20.94 -14.90
C TYR B 334 31.16 21.97 -13.78
N ALA B 335 31.16 23.25 -14.14
CA ALA B 335 30.97 24.33 -13.16
C ALA B 335 29.48 24.61 -12.98
N THR B 336 28.93 24.29 -11.81
CA THR B 336 27.46 24.29 -11.62
C THR B 336 26.82 25.64 -11.39
N ARG B 337 27.64 26.63 -11.02
CA ARG B 337 27.12 27.93 -10.56
C ARG B 337 26.22 27.79 -9.34
N ASP B 338 26.34 26.67 -8.63
CA ASP B 338 25.76 26.52 -7.31
C ASP B 338 26.83 26.89 -6.30
N ARG B 339 26.46 27.73 -5.34
CA ARG B 339 27.34 28.03 -4.25
C ARG B 339 27.20 26.89 -3.26
N GLY B 340 28.33 26.30 -2.89
CA GLY B 340 28.35 25.31 -1.84
C GLY B 340 29.71 25.13 -1.22
N GLU B 341 29.76 24.26 -0.21
CA GLU B 341 31.00 23.91 0.47
C GLU B 341 30.98 22.46 0.92
N MET B 342 32.17 21.90 1.08
CA MET B 342 32.34 20.49 1.43
C MET B 342 32.89 20.32 2.86
N HIS B 343 32.32 19.37 3.60
CA HIS B 343 32.73 19.11 4.98
C HIS B 343 32.73 17.63 5.28
N ASN B 344 33.91 17.03 5.40
CA ASN B 344 34.07 15.59 5.64
C ASN B 344 33.32 14.76 4.59
N GLY B 345 33.50 15.12 3.33
CA GLY B 345 32.85 14.39 2.22
C GLY B 345 31.35 14.64 2.02
N LYS B 346 30.77 15.47 2.89
CA LYS B 346 29.35 15.83 2.82
C LYS B 346 29.23 17.25 2.26
N LEU B 347 28.30 17.43 1.32
CA LEU B 347 28.14 18.68 0.59
C LEU B 347 26.98 19.50 1.15
N THR B 348 27.21 20.79 1.29
CA THR B 348 26.18 21.75 1.70
C THR B 348 25.98 22.72 0.55
N ILE B 349 24.72 22.94 0.16
CA ILE B 349 24.39 23.90 -0.88
C ILE B 349 23.89 25.16 -0.20
N VAL B 350 24.50 26.30 -0.51
CA VAL B 350 24.05 27.57 0.04
C VAL B 350 22.99 28.15 -0.89
N GLY B 351 23.21 28.01 -2.19
CA GLY B 351 22.24 28.46 -3.17
C GLY B 351 22.83 28.60 -4.55
N ARG B 352 22.12 29.33 -5.40
CA ARG B 352 22.45 29.45 -6.80
C ARG B 352 22.90 30.86 -7.10
N LEU B 353 24.10 31.00 -7.68
CA LEU B 353 24.71 32.32 -7.90
C LEU B 353 23.86 33.22 -8.80
N ASP B 354 23.22 32.63 -9.79
CA ASP B 354 22.35 33.38 -10.70
C ASP B 354 21.12 34.01 -10.01
N ASN B 355 20.81 33.58 -8.78
CA ASN B 355 19.71 34.14 -7.98
C ASN B 355 20.16 35.26 -7.04
N LEU B 356 21.48 35.37 -6.83
CA LEU B 356 22.05 36.45 -6.04
C LEU B 356 21.66 37.79 -6.64
N PHE B 357 21.12 38.69 -5.81
CA PHE B 357 20.90 40.06 -6.23
C PHE B 357 21.45 41.00 -5.19
N PHE B 358 21.58 42.27 -5.58
CA PHE B 358 22.18 43.27 -4.71
C PHE B 358 21.14 44.26 -4.23
N SER B 359 21.10 44.48 -2.92
CA SER B 359 20.19 45.44 -2.32
C SER B 359 21.03 46.48 -1.61
N GLY B 360 20.90 47.72 -2.04
CA GLY B 360 21.88 48.74 -1.70
C GLY B 360 23.21 48.19 -2.17
N GLY B 361 24.19 48.13 -1.27
CA GLY B 361 25.51 47.60 -1.60
C GLY B 361 25.63 46.09 -1.39
N GLU B 362 24.70 45.53 -0.62
CA GLU B 362 24.84 44.17 -0.11
C GLU B 362 24.24 43.13 -1.04
N GLY B 363 24.91 41.98 -1.14
CA GLY B 363 24.41 40.84 -1.89
C GLY B 363 23.44 40.03 -1.04
N ILE B 364 22.31 39.67 -1.65
CA ILE B 364 21.34 38.83 -0.96
C ILE B 364 21.18 37.51 -1.71
N GLN B 365 21.49 36.43 -1.02
CA GLN B 365 21.25 35.09 -1.51
C GLN B 365 19.87 34.65 -1.01
N PRO B 366 18.84 34.73 -1.88
CA PRO B 366 17.47 34.41 -1.49
C PRO B 366 17.35 33.16 -0.63
N GLU B 367 18.00 32.08 -1.06
CA GLU B 367 17.85 30.77 -0.42
C GLU B 367 18.25 30.82 1.05
N GLU B 368 19.28 31.60 1.38
CA GLU B 368 19.68 31.82 2.78
C GLU B 368 18.60 32.52 3.59
N VAL B 369 17.97 33.52 2.97
CA VAL B 369 16.95 34.31 3.65
C VAL B 369 15.67 33.48 3.75
N GLU B 370 15.38 32.74 2.69
CA GLU B 370 14.25 31.81 2.65
C GLU B 370 14.35 30.80 3.77
N ARG B 371 15.55 30.22 3.93
CA ARG B 371 15.83 29.23 4.99
C ARG B 371 15.44 29.74 6.38
N VAL B 372 15.78 30.99 6.68
CA VAL B 372 15.47 31.57 7.98
C VAL B 372 13.96 31.72 8.16
N ILE B 373 13.29 32.24 7.13
CA ILE B 373 11.84 32.43 7.17
C ILE B 373 11.08 31.10 7.22
N ALA B 374 11.55 30.12 6.44
CA ALA B 374 10.91 28.80 6.32
C ALA B 374 10.89 28.01 7.63
N ALA B 375 11.69 28.44 8.60
CA ALA B 375 11.67 27.88 9.95
C ALA B 375 10.40 28.25 10.75
N HIS B 376 9.63 29.21 10.26
CA HIS B 376 8.45 29.66 10.99
C HIS B 376 7.29 28.68 10.83
N PRO B 377 6.68 28.26 11.95
CA PRO B 377 5.71 27.16 11.93
C PRO B 377 4.55 27.36 10.94
N ALA B 378 4.19 28.61 10.68
CA ALA B 378 3.11 28.95 9.75
C ALA B 378 3.50 28.96 8.26
N VAL B 379 4.76 28.74 7.91
CA VAL B 379 5.22 28.84 6.53
C VAL B 379 5.32 27.47 5.83
N LEU B 380 4.72 27.37 4.64
CA LEU B 380 4.86 26.20 3.79
C LEU B 380 5.78 26.45 2.59
N GLN B 381 5.66 27.63 1.99
CA GLN B 381 6.56 28.06 0.92
C GLN B 381 6.92 29.54 1.08
N VAL B 382 8.19 29.85 0.83
CA VAL B 382 8.69 31.22 0.89
C VAL B 382 9.73 31.43 -0.21
N PHE B 383 9.51 32.45 -1.04
CA PHE B 383 10.49 32.84 -2.05
C PHE B 383 10.87 34.30 -1.87
N ILE B 384 12.18 34.55 -1.80
CA ILE B 384 12.69 35.91 -1.71
C ILE B 384 13.03 36.40 -3.10
N VAL B 385 12.32 37.44 -3.53
CA VAL B 385 12.36 37.93 -4.89
C VAL B 385 12.77 39.40 -4.87
N PRO B 386 13.62 39.82 -5.82
CA PRO B 386 13.99 41.22 -5.89
C PRO B 386 12.94 42.06 -6.59
N VAL B 387 12.76 43.29 -6.12
CA VAL B 387 11.91 44.27 -6.77
C VAL B 387 12.73 45.53 -7.07
N ALA B 388 12.46 46.15 -8.21
CA ALA B 388 13.13 47.40 -8.56
C ALA B 388 12.70 48.49 -7.58
N ASP B 389 13.65 48.98 -6.78
CA ASP B 389 13.41 50.06 -5.83
C ASP B 389 14.13 51.31 -6.34
N LYS B 390 13.37 52.38 -6.56
CA LYS B 390 13.92 53.65 -7.06
C LYS B 390 14.66 54.40 -5.95
N GLU B 391 15.76 53.79 -5.49
CA GLU B 391 16.59 54.31 -4.40
C GLU B 391 17.71 53.31 -4.05
N PHE B 392 17.37 52.02 -3.97
CA PHE B 392 18.35 50.96 -3.64
C PHE B 392 18.61 49.97 -4.78
N GLY B 393 18.19 50.31 -6.00
CA GLY B 393 18.30 49.40 -7.14
C GLY B 393 17.26 48.30 -7.04
N HIS B 394 17.56 47.28 -6.23
CA HIS B 394 16.60 46.22 -5.89
C HIS B 394 16.39 46.12 -4.38
N ARG B 395 15.20 45.67 -3.99
CA ARG B 395 14.93 45.29 -2.59
C ARG B 395 14.31 43.90 -2.58
N PRO B 396 14.42 43.17 -1.46
CA PRO B 396 13.82 41.84 -1.36
C PRO B 396 12.34 41.90 -1.06
N VAL B 397 11.60 41.00 -1.70
CA VAL B 397 10.18 40.80 -1.45
C VAL B 397 9.91 39.32 -1.18
N ALA B 398 9.12 39.04 -0.14
CA ALA B 398 8.76 37.66 0.22
C ALA B 398 7.43 37.27 -0.42
N VAL B 399 7.43 36.14 -1.12
CA VAL B 399 6.20 35.59 -1.72
C VAL B 399 5.88 34.24 -1.08
N MET B 400 4.67 34.12 -0.52
CA MET B 400 4.38 33.10 0.48
C MET B 400 3.28 32.11 0.13
N GLU B 401 3.37 30.93 0.74
CA GLU B 401 2.21 30.06 0.96
C GLU B 401 2.20 29.71 2.43
N TYR B 402 1.15 30.11 3.13
CA TYR B 402 1.06 29.91 4.57
C TYR B 402 0.39 28.57 4.89
N ASP B 403 0.58 28.10 6.13
CA ASP B 403 0.08 26.78 6.56
C ASP B 403 -1.43 26.75 6.47
N HIS B 404 -2.07 27.64 7.22
CA HIS B 404 -3.51 27.89 7.09
C HIS B 404 -3.73 29.39 6.90
N GLU B 405 -3.65 30.16 7.98
CA GLU B 405 -3.92 31.61 7.97
C GLU B 405 -2.71 32.44 7.54
N SER B 406 -2.96 33.58 6.88
CA SER B 406 -1.91 34.53 6.51
C SER B 406 -1.42 35.29 7.75
N VAL B 407 -0.11 35.44 7.87
CA VAL B 407 0.53 35.99 9.07
C VAL B 407 1.48 37.11 8.67
N ASP B 408 1.73 38.04 9.58
CA ASP B 408 2.72 39.10 9.35
C ASP B 408 4.02 38.78 10.10
N LEU B 409 5.13 38.73 9.37
CA LEU B 409 6.42 38.38 9.98
C LEU B 409 7.42 39.53 9.93
N SER B 410 6.94 40.73 9.59
CA SER B 410 7.80 41.93 9.51
C SER B 410 8.56 42.22 10.79
N GLU B 411 7.95 41.93 11.94
CA GLU B 411 8.62 42.17 13.22
C GLU B 411 9.41 40.95 13.66
N TRP B 412 8.76 39.78 13.66
CA TRP B 412 9.41 38.52 14.03
C TRP B 412 10.81 38.35 13.42
N VAL B 413 10.93 38.82 12.17
CA VAL B 413 12.13 38.61 11.37
C VAL B 413 13.30 39.55 11.74
N LYS B 414 13.06 40.53 12.61
CA LYS B 414 14.07 41.59 12.85
C LYS B 414 15.27 41.21 13.73
N ASP B 415 15.18 40.11 14.48
CA ASP B 415 16.36 39.59 15.20
C ASP B 415 16.98 38.38 14.48
N LYS B 416 16.52 38.10 13.26
CA LYS B 416 16.96 36.94 12.47
C LYS B 416 17.44 37.27 11.05
N LEU B 417 17.32 38.53 10.64
CA LEU B 417 17.73 38.95 9.31
C LEU B 417 18.28 40.36 9.38
N ALA B 418 19.41 40.58 8.71
CA ALA B 418 19.99 41.91 8.59
C ALA B 418 19.02 42.85 7.87
N ARG B 419 19.19 44.15 8.11
CA ARG B 419 18.37 45.20 7.51
C ARG B 419 18.05 44.91 6.05
N PHE B 420 19.10 44.77 5.25
CA PHE B 420 18.97 44.63 3.80
C PHE B 420 18.25 43.35 3.37
N GLN B 421 18.31 42.30 4.20
CA GLN B 421 17.65 41.04 3.88
C GLN B 421 16.14 41.06 4.12
N GLN B 422 15.67 41.97 4.96
CA GLN B 422 14.27 41.96 5.40
C GLN B 422 13.32 42.32 4.26
N PRO B 423 12.31 41.48 4.01
CA PRO B 423 11.35 41.79 2.96
C PRO B 423 10.64 43.12 3.19
N VAL B 424 10.54 43.94 2.16
CA VAL B 424 9.82 45.22 2.26
C VAL B 424 8.32 45.03 2.04
N ARG B 425 7.95 43.94 1.37
CA ARG B 425 6.54 43.57 1.22
C ARG B 425 6.39 42.06 1.28
N TRP B 426 5.30 41.61 1.89
CA TRP B 426 4.97 40.20 2.04
C TRP B 426 3.75 39.87 1.21
N LEU B 427 3.96 39.21 0.08
CA LEU B 427 2.88 38.88 -0.86
C LEU B 427 2.52 37.41 -0.83
N THR B 428 1.35 37.10 -1.37
CA THR B 428 0.84 35.74 -1.40
C THR B 428 1.12 35.14 -2.77
N LEU B 429 1.58 33.89 -2.77
CA LEU B 429 1.91 33.20 -4.01
C LEU B 429 0.64 32.99 -4.81
N PRO B 430 0.62 33.44 -6.08
CA PRO B 430 -0.61 33.33 -6.86
C PRO B 430 -0.89 31.90 -7.33
N PRO B 431 -2.15 31.60 -7.68
CA PRO B 431 -2.51 30.28 -8.19
C PRO B 431 -2.06 30.08 -9.65
N GLU B 432 -1.92 31.18 -10.38
CA GLU B 432 -1.48 31.15 -11.78
C GLU B 432 -0.05 30.61 -11.92
N LEU B 433 0.72 30.61 -10.83
CA LEU B 433 2.01 29.92 -10.75
C LEU B 433 1.86 28.57 -10.04
N LYS B 434 1.03 28.52 -9.00
CA LYS B 434 0.73 27.28 -8.30
C LYS B 434 -0.18 26.38 -9.13
N GLY B 437 6.64 21.84 -14.32
CA GLY B 437 5.85 21.75 -13.10
C GLY B 437 6.61 21.50 -11.79
N ILE B 438 7.88 21.11 -11.88
CA ILE B 438 8.66 20.66 -10.71
C ILE B 438 8.87 21.76 -9.64
N LYS B 439 9.31 22.92 -10.08
CA LYS B 439 9.47 24.06 -9.18
C LYS B 439 9.05 25.33 -9.90
N ILE B 440 8.78 26.37 -9.12
CA ILE B 440 8.33 27.64 -9.67
C ILE B 440 9.58 28.38 -10.18
N SER B 441 9.52 28.85 -11.42
CA SER B 441 10.59 29.64 -12.03
C SER B 441 10.81 30.95 -11.26
N ARG B 442 12.07 31.24 -10.94
CA ARG B 442 12.38 32.45 -10.21
C ARG B 442 12.22 33.68 -11.07
N GLN B 443 12.50 33.57 -12.38
CA GLN B 443 12.25 34.68 -13.31
C GLN B 443 10.76 34.97 -13.45
N ALA B 444 9.94 33.92 -13.53
CA ALA B 444 8.49 34.10 -13.60
C ALA B 444 7.97 34.77 -12.33
N LEU B 445 8.60 34.44 -11.20
CA LEU B 445 8.28 35.04 -9.91
C LEU B 445 8.67 36.52 -9.90
N LYS B 446 9.85 36.82 -10.43
CA LYS B 446 10.33 38.21 -10.54
C LYS B 446 9.32 39.07 -11.31
N GLU B 447 8.85 38.54 -12.43
CA GLU B 447 7.92 39.26 -13.30
C GLU B 447 6.54 39.49 -12.65
N TRP B 448 6.00 38.46 -11.99
CA TRP B 448 4.73 38.60 -11.28
C TRP B 448 4.78 39.66 -10.18
N VAL B 449 5.90 39.75 -9.47
CA VAL B 449 6.10 40.78 -8.48
C VAL B 449 6.20 42.17 -9.13
N GLN B 450 6.85 42.26 -10.28
CA GLN B 450 6.93 43.53 -11.03
C GLN B 450 5.55 44.07 -11.38
N ARG B 451 4.61 43.17 -11.68
CA ARG B 451 3.23 43.56 -12.00
C ARG B 451 2.39 44.00 -10.80
N GLN B 452 2.82 43.67 -9.58
CA GLN B 452 2.12 44.13 -8.38
C GLN B 452 2.49 45.60 -8.05
N GLN B 453 3.46 46.15 -8.78
CA GLN B 453 3.83 47.57 -8.73
C GLN B 453 4.57 47.92 -7.44
MG MG C . -37.59 -7.36 10.35
C1 4YB D . -3.34 -16.53 15.81
C2 4YB D . -3.53 -15.36 15.18
C3 4YB D . -2.49 -14.68 14.69
C4 4YB D . -5.45 -16.12 15.84
N1 4YB D . -1.23 -15.14 14.79
N2 4YB D . -2.12 -17.04 15.95
O1 4YB D . -12.57 -11.33 12.07
C5 4YB D . -11.50 -11.91 12.40
O2 4YB D . -10.87 -11.53 13.41
C6 4YB D . -10.98 -12.92 11.57
C7 4YB D . -10.66 -12.51 10.28
C8 4YB D . -10.15 -13.43 9.36
C9 4YB D . -9.93 -14.75 9.74
C10 4YB D . -10.24 -15.15 11.03
C11 4YB D . -10.76 -14.25 11.97
C12 4YB D . -11.08 -14.70 13.26
O3 4YB D . -12.07 -14.26 13.85
C13 4YB D . -10.19 -15.80 13.89
C14 4YB D . -10.81 -16.31 15.19
C15 4YB D . -10.14 -17.61 15.68
O4 4YB D . -9.23 -18.17 15.08
N3 4YB D . -10.63 -18.05 16.83
S1 4YB D . -10.11 -19.44 17.41
O5 4YB D . -10.61 -20.50 16.44
O6 4YB D . -10.76 -19.66 18.76
O7 4YB D . -8.59 -19.54 17.55
C16 4YB D . -7.94 -18.47 18.18
C17 4YB D . -6.48 -18.86 18.17
O8 4YB D . -6.00 -18.73 16.83
C18 4YB D . -5.70 -17.84 18.93
O9 4YB D . -5.77 -18.14 20.31
C19 4YB D . -4.31 -18.07 18.38
O10 4YB D . -3.78 -19.28 18.89
C20 4YB D . -4.62 -18.26 16.91
N4 4YB D . -4.52 -16.99 16.21
N5 4YB D . -4.85 -15.11 15.21
C21 4YB D . -1.01 -16.36 15.44
N6 4YB D . -2.74 -13.55 14.08
MG MG E . -29.77 -3.82 26.89
MG MG F . 3.76 15.57 -15.85
C1 4YB G . 19.10 22.02 -4.78
C2 4YB G . 19.00 20.82 -4.22
C3 4YB G . 19.13 20.69 -2.87
C4 4YB G . 18.75 20.58 -6.35
N1 4YB G . 19.35 21.75 -2.06
N2 4YB G . 19.33 23.13 -4.04
O1 4YB G . 15.81 12.07 -8.80
C5 4YB G . 16.07 13.13 -8.17
O2 4YB G . 17.24 13.34 -7.80
C6 4YB G . 15.05 14.00 -7.78
C7 4YB G . 14.16 13.50 -6.84
C8 4YB G . 13.11 14.27 -6.36
C9 4YB G . 12.96 15.57 -6.82
C10 4YB G . 13.86 16.10 -7.75
C11 4YB G . 14.92 15.32 -8.22
C12 4YB G . 15.79 15.86 -9.18
O3 4YB G . 16.27 15.14 -10.07
C13 4YB G . 16.05 17.38 -9.16
C14 4YB G . 16.79 17.81 -10.42
C15 4YB G . 16.78 19.32 -10.64
O4 4YB G . 16.15 20.09 -9.93
N3 4YB G . 17.44 19.69 -11.72
S1 4YB G . 17.51 21.25 -12.09
O5 4YB G . 16.12 21.76 -12.43
O6 4YB G . 18.39 21.36 -13.33
O7 4YB G . 18.04 22.11 -10.96
C16 4YB G . 19.16 21.70 -10.26
C17 4YB G . 19.42 22.82 -9.27
O8 4YB G . 18.41 22.65 -8.25
C18 4YB G . 20.70 22.54 -8.54
O9 4YB G . 21.78 22.99 -9.35
C19 4YB G . 20.46 23.37 -7.30
O10 4YB G . 20.54 24.76 -7.58
C20 4YB G . 19.02 23.02 -6.99
N4 4YB G . 18.95 21.87 -6.10
N5 4YB G . 18.78 19.93 -5.18
C21 4YB G . 19.46 23.01 -2.64
N6 4YB G . 19.00 19.46 -2.36
#